data_2Y02
#
_entry.id   2Y02
#
_cell.length_a   89.600
_cell.length_b   61.700
_cell.length_c   101.400
_cell.angle_alpha   90.00
_cell.angle_beta   109.30
_cell.angle_gamma   90.00
#
_symmetry.space_group_name_H-M   'P 1 21 1'
#
loop_
_entity.id
_entity.type
_entity.pdbx_description
1 polymer 'BETA-1 ADRENERGIC RECEPTOR'
2 non-polymer 'CHOLESTEROL HEMISUCCINATE'
3 non-polymer HEGA-10
4 non-polymer CARMOTEROL
5 non-polymer 'SODIUM ION'
6 water water
#
_entity_poly.entity_id   1
_entity_poly.type   'polypeptide(L)'
_entity_poly.pdbx_seq_one_letter_code
;MGAELLSQQWEAGMSLLMALVVLLIVAGNVLVIAAIGSTQRLQTLTNLFITSLACADLVVGLLVVPFGATLVVRGTWLWG
SFLCELWTSLDVLCVTASIETLCVIAIDRYLAITSPFRYQSLMTRARAKVIICTVWAISALVSFLPIMMHWWRDEDPQAL
KCYQDPGCCDFVTNRAYAIASSIISFYIPLLIMIFVALRVYREAKEQIRKIDRASKRKTSRVMLMREHKALKTLGIIMGV
FTLCWLPFFLVNIVNVFNRDLVPDWLFVAFNWLGYANSAMNPIIYCRSPDFRKAFKRLLAFPRKADRRLHHHHHH
;
_entity_poly.pdbx_strand_id   A,B
#
loop_
_chem_comp.id
_chem_comp.type
_chem_comp.name
_chem_comp.formula
2CV non-polymer HEGA-10 'C18 H37 N O7'
NA non-polymer 'SODIUM ION' 'Na 1'
WHJ non-polymer CARMOTEROL 'C21 H24 N2 O4'
Y01 non-polymer 'CHOLESTEROL HEMISUCCINATE' 'C31 H50 O4'
#
# COMPACT_ATOMS: atom_id res chain seq x y z
N ALA A 3 -7.13 49.61 1.52
CA ALA A 3 -6.58 48.63 2.49
C ALA A 3 -7.69 47.75 3.07
N GLU A 4 -8.49 48.31 3.97
CA GLU A 4 -9.65 47.61 4.52
C GLU A 4 -10.77 47.44 3.48
N LEU A 5 -10.78 48.29 2.46
CA LEU A 5 -11.75 48.17 1.37
C LEU A 5 -11.38 47.04 0.42
N LEU A 6 -10.08 46.90 0.16
CA LEU A 6 -9.53 45.88 -0.74
C LEU A 6 -9.70 44.45 -0.16
N SER A 7 -9.60 44.36 1.16
CA SER A 7 -9.85 43.15 1.90
C SER A 7 -11.35 42.80 1.91
N GLN A 8 -12.20 43.81 2.10
CA GLN A 8 -13.65 43.60 2.08
C GLN A 8 -14.17 43.09 0.73
N GLN A 9 -13.64 43.64 -0.35
CA GLN A 9 -14.04 43.26 -1.71
C GLN A 9 -13.66 41.81 -2.01
N TRP A 10 -12.41 41.50 -1.71
CA TRP A 10 -11.86 40.16 -1.83
C TRP A 10 -12.60 39.13 -0.93
N GLU A 11 -12.83 39.44 0.34
CA GLU A 11 -13.52 38.50 1.21
C GLU A 11 -14.91 38.18 0.67
N ALA A 12 -15.65 39.21 0.27
CA ALA A 12 -17.06 39.01 -0.14
C ALA A 12 -17.16 38.26 -1.46
N GLY A 13 -16.30 38.61 -2.41
CA GLY A 13 -16.28 37.97 -3.73
C GLY A 13 -15.81 36.53 -3.70
N MET A 14 -14.88 36.22 -2.78
CA MET A 14 -14.34 34.88 -2.56
C MET A 14 -15.31 33.99 -1.78
N SER A 15 -15.95 34.54 -0.74
CA SER A 15 -17.03 33.84 -0.02
C SER A 15 -18.10 33.36 -0.98
N LEU A 16 -18.36 34.17 -2.00
CA LEU A 16 -19.44 33.91 -2.92
C LEU A 16 -19.08 32.82 -3.92
N LEU A 17 -17.87 32.90 -4.46
CA LEU A 17 -17.31 31.87 -5.32
C LEU A 17 -17.21 30.50 -4.59
N MET A 18 -16.68 30.53 -3.36
CA MET A 18 -16.67 29.35 -2.50
C MET A 18 -18.05 28.73 -2.30
N ALA A 19 -19.06 29.55 -2.00
CA ALA A 19 -20.44 29.05 -1.81
C ALA A 19 -20.97 28.43 -3.09
N LEU A 20 -20.59 29.00 -4.24
CA LEU A 20 -20.99 28.46 -5.53
C LEU A 20 -20.46 27.05 -5.70
N VAL A 21 -19.15 26.87 -5.49
CA VAL A 21 -18.49 25.56 -5.57
C VAL A 21 -19.14 24.52 -4.66
N VAL A 22 -19.40 24.91 -3.41
CA VAL A 22 -20.04 24.06 -2.42
C VAL A 22 -21.41 23.59 -2.91
N LEU A 23 -22.18 24.54 -3.43
CA LEU A 23 -23.51 24.30 -3.98
C LEU A 23 -23.47 23.31 -5.14
N LEU A 24 -22.59 23.57 -6.09
CA LEU A 24 -22.43 22.74 -7.26
C LEU A 24 -22.00 21.30 -6.91
N ILE A 25 -21.05 21.17 -5.99
CA ILE A 25 -20.61 19.85 -5.53
C ILE A 25 -21.74 19.12 -4.79
N VAL A 26 -22.42 19.80 -3.87
CA VAL A 26 -23.48 19.17 -3.09
C VAL A 26 -24.74 18.85 -3.91
N ALA A 27 -25.24 19.81 -4.70
CA ALA A 27 -26.41 19.58 -5.56
C ALA A 27 -26.16 18.46 -6.56
N GLY A 28 -25.06 18.58 -7.32
CA GLY A 28 -24.71 17.61 -8.35
C GLY A 28 -24.61 16.18 -7.87
N ASN A 29 -24.06 15.99 -6.67
CA ASN A 29 -23.78 14.64 -6.15
C ASN A 29 -24.95 14.05 -5.40
N VAL A 30 -25.75 14.90 -4.76
CA VAL A 30 -27.05 14.48 -4.22
C VAL A 30 -27.94 13.98 -5.38
N LEU A 31 -27.96 14.72 -6.48
CA LEU A 31 -28.71 14.28 -7.64
C LEU A 31 -28.28 12.88 -8.10
N VAL A 32 -26.97 12.66 -8.24
CA VAL A 32 -26.47 11.36 -8.68
C VAL A 32 -26.93 10.27 -7.72
N ILE A 33 -26.83 10.53 -6.42
CA ILE A 33 -27.21 9.55 -5.42
C ILE A 33 -28.72 9.28 -5.48
N ALA A 34 -29.52 10.35 -5.49
CA ALA A 34 -30.99 10.23 -5.60
C ALA A 34 -31.47 9.59 -6.92
N ALA A 35 -30.86 9.96 -8.05
CA ALA A 35 -31.16 9.33 -9.33
C ALA A 35 -30.93 7.81 -9.26
N ILE A 36 -29.78 7.38 -8.74
CA ILE A 36 -29.49 5.95 -8.65
C ILE A 36 -30.39 5.31 -7.60
N GLY A 37 -30.64 6.02 -6.50
CA GLY A 37 -31.43 5.46 -5.39
C GLY A 37 -32.92 5.33 -5.64
N SER A 38 -33.38 5.66 -6.84
CA SER A 38 -34.81 5.72 -7.13
C SER A 38 -35.13 5.38 -8.58
N THR A 39 -34.21 4.70 -9.26
CA THR A 39 -34.38 4.36 -10.66
C THR A 39 -33.78 2.98 -10.90
N GLN A 40 -34.64 1.96 -10.89
CA GLN A 40 -34.23 0.55 -10.94
C GLN A 40 -33.30 0.30 -12.11
N ARG A 41 -33.67 0.86 -13.25
CA ARG A 41 -32.89 0.82 -14.49
C ARG A 41 -31.44 1.29 -14.25
N LEU A 42 -31.26 2.16 -13.25
CA LEU A 42 -29.95 2.69 -12.85
C LEU A 42 -29.28 1.99 -11.66
N GLN A 43 -29.92 0.95 -11.12
CA GLN A 43 -29.38 0.22 -9.97
C GLN A 43 -28.50 -0.97 -10.35
N THR A 44 -27.78 -0.86 -11.47
CA THR A 44 -26.72 -1.80 -11.82
C THR A 44 -25.64 -1.87 -10.73
N LEU A 45 -24.79 -2.89 -10.80
CA LEU A 45 -23.68 -3.04 -9.84
C LEU A 45 -22.64 -1.97 -10.08
N THR A 46 -22.36 -1.66 -11.34
CA THR A 46 -21.43 -0.58 -11.69
C THR A 46 -21.84 0.73 -11.02
N ASN A 47 -23.14 0.99 -10.94
CA ASN A 47 -23.63 2.24 -10.38
C ASN A 47 -23.61 2.32 -8.87
N LEU A 48 -23.37 1.17 -8.23
CA LEU A 48 -23.14 1.11 -6.79
C LEU A 48 -21.77 1.72 -6.48
N PHE A 49 -20.80 1.44 -7.35
CA PHE A 49 -19.48 2.03 -7.26
C PHE A 49 -19.55 3.53 -7.55
N ILE A 50 -20.43 3.91 -8.48
CA ILE A 50 -20.66 5.32 -8.81
C ILE A 50 -21.23 6.05 -7.61
N THR A 51 -22.15 5.39 -6.91
CA THR A 51 -22.70 5.94 -5.68
C THR A 51 -21.61 6.18 -4.64
N SER A 52 -20.72 5.20 -4.47
CA SER A 52 -19.59 5.30 -3.53
C SER A 52 -18.70 6.49 -3.86
N LEU A 53 -18.41 6.66 -5.15
CA LEU A 53 -17.62 7.78 -5.65
C LEU A 53 -18.32 9.13 -5.39
N ALA A 54 -19.64 9.15 -5.55
CA ALA A 54 -20.45 10.32 -5.24
C ALA A 54 -20.39 10.71 -3.76
N CYS A 55 -20.24 9.70 -2.90
CA CYS A 55 -20.17 9.92 -1.46
C CYS A 55 -18.87 10.61 -1.07
N ALA A 56 -17.77 10.18 -1.69
CA ALA A 56 -16.47 10.81 -1.50
C ALA A 56 -16.52 12.27 -1.94
N ASP A 57 -17.10 12.50 -3.12
CA ASP A 57 -17.34 13.86 -3.61
C ASP A 57 -18.29 14.64 -2.68
N LEU A 58 -19.34 13.99 -2.20
CA LEU A 58 -20.28 14.66 -1.29
C LEU A 58 -19.59 15.10 -0.01
N VAL A 59 -18.70 14.28 0.53
CA VAL A 59 -17.97 14.61 1.75
C VAL A 59 -17.01 15.79 1.51
N VAL A 60 -16.43 15.87 0.31
CA VAL A 60 -15.64 17.04 -0.07
C VAL A 60 -16.51 18.33 -0.11
N GLY A 61 -17.76 18.21 -0.57
CA GLY A 61 -18.69 19.33 -0.67
C GLY A 61 -19.21 19.82 0.66
N LEU A 62 -19.50 18.87 1.56
CA LEU A 62 -20.07 19.21 2.87
C LEU A 62 -19.03 19.58 3.92
N LEU A 63 -17.83 19.01 3.86
CA LEU A 63 -16.85 19.19 4.93
C LEU A 63 -15.51 19.73 4.46
N VAL A 64 -14.94 19.17 3.40
CA VAL A 64 -13.57 19.55 3.02
C VAL A 64 -13.51 20.98 2.51
N VAL A 65 -14.29 21.28 1.47
CA VAL A 65 -14.33 22.62 0.87
C VAL A 65 -14.84 23.69 1.87
N PRO A 66 -15.96 23.44 2.56
CA PRO A 66 -16.37 24.48 3.51
C PRO A 66 -15.23 24.91 4.45
N PHE A 67 -14.49 23.95 5.01
CA PHE A 67 -13.41 24.26 5.94
C PHE A 67 -12.23 24.96 5.25
N GLY A 68 -11.90 24.50 4.05
CA GLY A 68 -10.85 25.16 3.27
C GLY A 68 -11.23 26.60 2.92
N ALA A 69 -12.49 26.78 2.54
CA ALA A 69 -13.08 28.08 2.25
C ALA A 69 -12.84 29.07 3.38
N THR A 70 -13.17 28.67 4.62
CA THR A 70 -13.01 29.58 5.76
C THR A 70 -11.54 29.98 5.96
N LEU A 71 -10.62 29.10 5.59
CA LEU A 71 -9.20 29.38 5.71
C LEU A 71 -8.75 30.37 4.64
N VAL A 72 -9.21 30.17 3.41
CA VAL A 72 -8.82 31.04 2.30
C VAL A 72 -9.45 32.45 2.46
N VAL A 73 -10.67 32.50 2.98
CA VAL A 73 -11.43 33.74 3.06
C VAL A 73 -11.02 34.55 4.26
N ARG A 74 -10.89 33.89 5.40
CA ARG A 74 -10.56 34.60 6.64
C ARG A 74 -9.07 34.69 6.94
N GLY A 75 -8.24 34.03 6.13
CA GLY A 75 -6.80 34.09 6.29
C GLY A 75 -6.18 33.45 7.54
N THR A 76 -6.99 32.73 8.34
CA THR A 76 -6.48 31.88 9.45
C THR A 76 -7.40 30.66 9.75
N TRP A 77 -6.88 29.70 10.50
CA TRP A 77 -7.70 28.60 10.94
C TRP A 77 -8.46 28.98 12.22
N LEU A 78 -9.79 28.98 12.14
CA LEU A 78 -10.65 29.43 13.25
C LEU A 78 -11.13 28.30 14.17
N TRP A 79 -10.81 27.06 13.85
CA TRP A 79 -11.60 25.95 14.39
C TRP A 79 -10.88 25.08 15.39
N GLY A 80 -9.62 25.42 15.69
CA GLY A 80 -8.82 24.69 16.68
C GLY A 80 -8.04 23.50 16.13
N SER A 81 -7.21 22.90 16.99
CA SER A 81 -6.28 21.84 16.61
C SER A 81 -6.90 20.54 16.16
N PHE A 82 -7.89 20.04 16.91
CA PHE A 82 -8.55 18.78 16.60
C PHE A 82 -9.21 18.82 15.22
N LEU A 83 -10.07 19.80 15.00
CA LEU A 83 -10.77 19.93 13.72
C LEU A 83 -9.82 20.17 12.54
N CYS A 84 -8.65 20.74 12.81
CA CYS A 84 -7.62 20.89 11.78
C CYS A 84 -7.09 19.54 11.36
N GLU A 85 -6.92 18.65 12.35
CA GLU A 85 -6.43 17.30 12.10
C GLU A 85 -7.50 16.45 11.45
N LEU A 86 -8.72 16.51 11.99
CA LEU A 86 -9.87 15.88 11.34
C LEU A 86 -10.05 16.36 9.90
N TRP A 87 -10.07 17.68 9.67
CA TRP A 87 -10.22 18.21 8.31
C TRP A 87 -9.18 17.65 7.33
N THR A 88 -7.94 17.61 7.79
CA THR A 88 -6.82 17.11 7.00
C THR A 88 -7.00 15.63 6.67
N SER A 89 -7.48 14.87 7.66
CA SER A 89 -7.77 13.44 7.52
C SER A 89 -8.83 13.16 6.49
N LEU A 90 -9.92 13.91 6.54
CA LEU A 90 -11.00 13.74 5.57
C LEU A 90 -10.54 14.10 4.16
N ASP A 91 -9.76 15.16 4.05
CA ASP A 91 -9.15 15.53 2.78
C ASP A 91 -8.40 14.33 2.18
N VAL A 92 -7.38 13.82 2.89
CA VAL A 92 -6.61 12.66 2.41
C VAL A 92 -7.55 11.49 2.17
N LEU A 93 -8.51 11.28 3.07
CA LEU A 93 -9.47 10.16 2.90
C LEU A 93 -10.22 10.16 1.57
N CYS A 94 -10.78 11.31 1.20
CA CYS A 94 -11.64 11.38 0.00
C CYS A 94 -10.90 11.13 -1.33
N VAL A 95 -9.70 11.69 -1.47
CA VAL A 95 -8.93 11.48 -2.68
C VAL A 95 -8.41 10.03 -2.74
N THR A 96 -8.07 9.47 -1.57
CA THR A 96 -7.69 8.06 -1.50
C THR A 96 -8.87 7.15 -1.87
N ALA A 97 -10.03 7.37 -1.25
CA ALA A 97 -11.24 6.63 -1.62
C ALA A 97 -11.63 6.75 -3.10
N SER A 98 -11.53 7.95 -3.66
CA SER A 98 -11.93 8.15 -5.06
C SER A 98 -11.11 7.33 -6.05
N ILE A 99 -9.78 7.50 -6.04
CA ILE A 99 -8.88 6.76 -6.93
C ILE A 99 -8.94 5.22 -6.73
N GLU A 100 -9.13 4.76 -5.49
CA GLU A 100 -9.30 3.33 -5.27
C GLU A 100 -10.63 2.84 -5.82
N THR A 101 -11.68 3.64 -5.67
CA THR A 101 -12.96 3.34 -6.30
C THR A 101 -12.87 3.31 -7.83
N LEU A 102 -12.15 4.26 -8.44
CA LEU A 102 -11.99 4.25 -9.89
C LEU A 102 -11.25 3.01 -10.38
N CYS A 103 -10.33 2.50 -9.55
CA CYS A 103 -9.68 1.21 -9.83
C CYS A 103 -10.68 0.08 -9.88
N VAL A 104 -11.46 -0.04 -8.82
CA VAL A 104 -12.50 -1.06 -8.76
C VAL A 104 -13.42 -0.99 -9.99
N ILE A 105 -13.85 0.21 -10.36
CA ILE A 105 -14.70 0.41 -11.53
C ILE A 105 -14.01 -0.10 -12.81
N ALA A 106 -12.73 0.22 -12.97
CA ALA A 106 -11.99 -0.23 -14.13
C ALA A 106 -11.86 -1.76 -14.14
N ILE A 107 -11.57 -2.36 -12.98
CA ILE A 107 -11.54 -3.82 -12.86
C ILE A 107 -12.94 -4.43 -13.13
N ASP A 108 -13.98 -3.85 -12.55
CA ASP A 108 -15.34 -4.30 -12.81
C ASP A 108 -15.60 -4.46 -14.30
N ARG A 109 -15.25 -3.42 -15.07
CA ARG A 109 -15.48 -3.42 -16.51
C ARG A 109 -14.61 -4.42 -17.26
N TYR A 110 -13.35 -4.56 -16.84
CA TYR A 110 -12.44 -5.50 -17.47
C TYR A 110 -13.00 -6.92 -17.35
N LEU A 111 -13.47 -7.26 -16.16
CA LEU A 111 -14.03 -8.58 -15.86
C LEU A 111 -15.29 -8.87 -16.66
N ALA A 112 -16.18 -7.88 -16.74
CA ALA A 112 -17.47 -8.03 -17.42
C ALA A 112 -17.31 -8.14 -18.92
N ILE A 113 -16.19 -7.63 -19.43
CA ILE A 113 -15.94 -7.60 -20.87
C ILE A 113 -15.10 -8.79 -21.35
N THR A 114 -14.23 -9.32 -20.51
CA THR A 114 -13.38 -10.43 -20.92
C THR A 114 -13.89 -11.76 -20.39
N SER A 115 -14.81 -11.73 -19.42
CA SER A 115 -15.37 -12.96 -18.87
C SER A 115 -16.81 -12.76 -18.44
N PRO A 116 -17.68 -12.33 -19.38
CA PRO A 116 -19.08 -12.04 -19.01
C PRO A 116 -19.79 -13.19 -18.28
N PHE A 117 -19.34 -14.43 -18.47
CA PHE A 117 -19.96 -15.53 -17.74
C PHE A 117 -19.42 -15.75 -16.32
N ARG A 118 -18.11 -15.63 -16.14
CA ARG A 118 -17.52 -15.67 -14.79
C ARG A 118 -18.01 -14.49 -13.97
N TYR A 119 -18.06 -13.32 -14.61
CA TYR A 119 -18.65 -12.11 -14.04
C TYR A 119 -20.07 -12.32 -13.49
N GLN A 120 -20.95 -12.87 -14.33
CA GLN A 120 -22.32 -13.19 -13.94
C GLN A 120 -22.39 -14.00 -12.63
N SER A 121 -21.54 -15.01 -12.48
CA SER A 121 -21.61 -15.91 -11.31
C SER A 121 -20.84 -15.41 -10.10
N LEU A 122 -19.87 -14.53 -10.34
CA LEU A 122 -19.06 -13.94 -9.27
C LEU A 122 -19.66 -12.66 -8.69
N MET A 123 -20.03 -11.70 -9.54
CA MET A 123 -20.48 -10.38 -9.09
C MET A 123 -21.95 -10.32 -8.70
N THR A 124 -22.19 -10.15 -7.40
CA THR A 124 -23.52 -9.97 -6.84
C THR A 124 -23.60 -8.64 -6.05
N ARG A 125 -24.81 -8.29 -5.59
CA ARG A 125 -24.98 -7.07 -4.81
C ARG A 125 -24.24 -7.15 -3.49
N ALA A 126 -24.37 -8.28 -2.81
CA ALA A 126 -23.69 -8.50 -1.52
C ALA A 126 -22.16 -8.32 -1.61
N ARG A 127 -21.58 -8.70 -2.76
CA ARG A 127 -20.16 -8.60 -2.96
C ARG A 127 -19.75 -7.19 -3.37
N ALA A 128 -20.55 -6.54 -4.22
CA ALA A 128 -20.36 -5.13 -4.51
C ALA A 128 -20.30 -4.34 -3.20
N LYS A 129 -21.23 -4.61 -2.29
CA LYS A 129 -21.18 -4.00 -0.95
C LYS A 129 -19.87 -4.22 -0.20
N VAL A 130 -19.38 -5.46 -0.21
CA VAL A 130 -18.15 -5.81 0.47
C VAL A 130 -16.97 -5.07 -0.18
N ILE A 131 -16.95 -5.05 -1.52
CA ILE A 131 -15.92 -4.29 -2.25
C ILE A 131 -15.87 -2.80 -1.84
N ILE A 132 -17.04 -2.17 -1.78
CA ILE A 132 -17.14 -0.75 -1.48
C ILE A 132 -16.60 -0.49 -0.09
N CYS A 133 -17.01 -1.34 0.86
CA CYS A 133 -16.58 -1.15 2.25
C CYS A 133 -15.10 -1.43 2.45
N THR A 134 -14.56 -2.33 1.63
CA THR A 134 -13.16 -2.68 1.74
C THR A 134 -12.31 -1.51 1.28
N VAL A 135 -12.72 -0.86 0.19
CA VAL A 135 -12.09 0.37 -0.28
C VAL A 135 -12.09 1.46 0.80
N TRP A 136 -13.25 1.75 1.40
CA TRP A 136 -13.32 2.74 2.49
C TRP A 136 -12.46 2.37 3.73
N ALA A 137 -12.48 1.10 4.11
CA ALA A 137 -11.61 0.58 5.17
C ALA A 137 -10.12 0.86 4.92
N ILE A 138 -9.64 0.44 3.75
CA ILE A 138 -8.24 0.65 3.36
C ILE A 138 -7.89 2.14 3.35
N SER A 139 -8.80 2.94 2.78
CA SER A 139 -8.57 4.38 2.64
C SER A 139 -8.55 5.04 4.02
N ALA A 140 -9.44 4.61 4.91
CA ALA A 140 -9.44 5.09 6.28
C ALA A 140 -8.10 4.77 6.92
N LEU A 141 -7.68 3.52 6.74
CA LEU A 141 -6.42 3.04 7.25
C LEU A 141 -5.26 3.96 6.83
N VAL A 142 -5.09 4.13 5.52
CA VAL A 142 -4.04 4.93 4.92
C VAL A 142 -4.08 6.42 5.27
N SER A 143 -5.25 6.93 5.62
CA SER A 143 -5.38 8.36 5.84
C SER A 143 -5.41 8.80 7.31
N PHE A 144 -6.23 8.14 8.12
CA PHE A 144 -6.40 8.53 9.53
C PHE A 144 -5.20 8.31 10.43
N LEU A 145 -4.72 7.07 10.49
CA LEU A 145 -3.69 6.67 11.42
C LEU A 145 -2.41 7.49 11.34
N PRO A 146 -1.83 7.64 10.13
CA PRO A 146 -0.57 8.39 10.03
C PRO A 146 -0.77 9.82 10.49
N ILE A 147 -1.98 10.33 10.30
CA ILE A 147 -2.27 11.68 10.71
C ILE A 147 -2.50 11.73 12.22
N MET A 148 -3.27 10.79 12.77
CA MET A 148 -3.50 10.79 14.23
C MET A 148 -2.29 10.31 15.05
N MET A 149 -1.38 9.63 14.39
CA MET A 149 -0.11 9.26 15.00
C MET A 149 1.01 10.22 14.69
N HIS A 150 0.67 11.36 14.08
CA HIS A 150 1.62 12.43 13.80
C HIS A 150 2.86 12.07 13.00
N TRP A 151 2.77 11.02 12.16
CA TRP A 151 3.89 10.55 11.34
C TRP A 151 4.15 11.52 10.19
N TRP A 152 3.30 12.54 10.06
CA TRP A 152 3.42 13.56 9.02
C TRP A 152 4.26 14.77 9.44
N ARG A 153 4.46 14.95 10.75
CA ARG A 153 5.10 16.18 11.27
C ARG A 153 6.58 16.30 10.96
N ASP A 154 7.07 17.53 11.00
CA ASP A 154 8.47 17.83 10.74
C ASP A 154 9.07 18.57 11.90
N GLU A 155 10.39 18.69 11.87
CA GLU A 155 11.19 19.20 12.97
C GLU A 155 11.73 20.57 12.59
N ASP A 156 11.51 20.94 11.34
CA ASP A 156 11.91 22.19 10.72
C ASP A 156 11.55 23.44 11.58
N PRO A 157 12.28 24.56 11.38
CA PRO A 157 11.85 25.85 11.96
C PRO A 157 10.45 26.28 11.49
N GLN A 158 10.21 26.20 10.17
CA GLN A 158 8.90 26.53 9.58
C GLN A 158 7.78 25.60 10.06
N ALA A 159 8.12 24.34 10.30
CA ALA A 159 7.14 23.36 10.70
C ALA A 159 6.68 23.54 12.14
N LEU A 160 7.62 23.83 13.04
CA LEU A 160 7.26 24.13 14.44
C LEU A 160 6.65 25.53 14.60
N LYS A 161 6.98 26.44 13.69
CA LYS A 161 6.32 27.74 13.60
C LYS A 161 4.81 27.62 13.37
N CYS A 162 4.41 26.54 12.73
CA CYS A 162 3.01 26.32 12.41
C CYS A 162 2.26 25.52 13.49
N TYR A 163 2.94 24.56 14.12
CA TYR A 163 2.22 23.58 14.96
C TYR A 163 1.71 24.17 16.27
N GLN A 164 2.43 25.13 16.83
CA GLN A 164 1.98 25.81 18.05
C GLN A 164 0.92 26.90 17.81
N ASP A 165 1.15 27.72 16.76
CA ASP A 165 0.16 28.68 16.23
C ASP A 165 -1.20 27.99 15.92
N PRO A 166 -2.26 28.38 16.65
CA PRO A 166 -3.54 27.67 16.52
C PRO A 166 -4.37 28.11 15.32
N GLY A 167 -3.91 29.13 14.62
CA GLY A 167 -4.54 29.59 13.40
C GLY A 167 -3.79 29.12 12.17
N CYS A 168 -2.76 28.31 12.37
CA CYS A 168 -2.07 27.67 11.25
C CYS A 168 -2.54 26.24 11.05
N CYS A 169 -2.86 25.91 9.80
CA CYS A 169 -3.22 24.56 9.41
C CYS A 169 -2.75 24.34 7.98
N ASP A 170 -1.47 24.56 7.76
CA ASP A 170 -0.86 24.51 6.41
C ASP A 170 -0.70 23.11 5.85
N PHE A 171 -0.61 22.11 6.74
CA PHE A 171 -0.23 20.74 6.39
C PHE A 171 1.19 20.67 5.81
N VAL A 172 2.13 21.18 6.59
CA VAL A 172 3.54 21.08 6.31
C VAL A 172 3.99 19.70 6.83
N THR A 173 4.51 18.87 5.93
CA THR A 173 4.83 17.48 6.27
C THR A 173 6.31 17.27 6.13
N ASN A 174 6.82 16.19 6.72
CA ASN A 174 8.17 15.75 6.45
C ASN A 174 8.27 15.13 5.06
N ARG A 175 9.49 15.00 4.54
CA ARG A 175 9.69 14.44 3.21
C ARG A 175 9.27 12.96 3.07
N ALA A 176 9.44 12.19 4.14
CA ALA A 176 9.11 10.78 4.12
C ALA A 176 7.60 10.60 3.92
N TYR A 177 6.81 11.37 4.70
CA TYR A 177 5.37 11.29 4.56
C TYR A 177 4.89 11.74 3.18
N ALA A 178 5.49 12.81 2.66
CA ALA A 178 5.07 13.35 1.36
C ALA A 178 5.20 12.29 0.29
N ILE A 179 6.38 11.65 0.23
CA ILE A 179 6.63 10.62 -0.78
C ILE A 179 5.76 9.37 -0.52
N ALA A 180 5.72 8.90 0.73
CA ALA A 180 4.97 7.70 1.12
C ALA A 180 3.47 7.82 0.83
N SER A 181 2.86 8.90 1.29
CA SER A 181 1.42 9.09 1.11
C SER A 181 1.08 9.29 -0.37
N SER A 182 1.90 10.05 -1.07
CA SER A 182 1.71 10.26 -2.48
C SER A 182 1.73 8.92 -3.23
N ILE A 183 2.73 8.09 -2.92
CA ILE A 183 2.84 6.77 -3.58
C ILE A 183 1.65 5.87 -3.17
N ILE A 184 1.37 5.83 -1.88
CA ILE A 184 0.39 4.90 -1.33
C ILE A 184 -1.05 5.32 -1.60
N SER A 185 -1.36 6.60 -1.38
CA SER A 185 -2.72 7.07 -1.63
C SER A 185 -3.03 7.42 -3.09
N PHE A 186 -2.02 7.72 -3.91
CA PHE A 186 -2.27 8.20 -5.27
C PHE A 186 -1.54 7.45 -6.37
N TYR A 187 -0.21 7.48 -6.38
CA TYR A 187 0.50 6.96 -7.55
C TYR A 187 0.22 5.49 -7.83
N ILE A 188 0.25 4.65 -6.80
CA ILE A 188 0.05 3.21 -7.02
C ILE A 188 -1.33 2.92 -7.62
N PRO A 189 -2.42 3.41 -6.98
CA PRO A 189 -3.73 3.21 -7.61
C PRO A 189 -3.86 3.91 -8.99
N LEU A 190 -3.18 5.03 -9.20
CA LEU A 190 -3.23 5.69 -10.52
C LEU A 190 -2.70 4.77 -11.61
N LEU A 191 -1.58 4.09 -11.32
CA LEU A 191 -0.95 3.17 -12.26
C LEU A 191 -1.84 1.96 -12.55
N ILE A 192 -2.31 1.31 -11.50
CA ILE A 192 -3.26 0.21 -11.64
C ILE A 192 -4.43 0.62 -12.55
N MET A 193 -5.04 1.77 -12.26
CA MET A 193 -6.16 2.27 -13.04
C MET A 193 -5.83 2.51 -14.53
N ILE A 194 -4.71 3.18 -14.82
CA ILE A 194 -4.24 3.34 -16.22
C ILE A 194 -4.02 1.99 -16.90
N PHE A 195 -3.17 1.13 -16.32
CA PHE A 195 -2.94 -0.22 -16.85
C PHE A 195 -4.28 -0.89 -17.20
N VAL A 196 -5.21 -0.96 -16.27
CA VAL A 196 -6.48 -1.67 -16.47
C VAL A 196 -7.41 -0.95 -17.46
N ALA A 197 -7.44 0.38 -17.42
CA ALA A 197 -8.30 1.17 -18.31
C ALA A 197 -7.94 1.00 -19.79
N LEU A 198 -6.64 0.83 -20.08
CA LEU A 198 -6.17 0.60 -21.43
C LEU A 198 -6.46 -0.84 -21.90
N ARG A 199 -6.35 -1.82 -21.02
CA ARG A 199 -6.74 -3.19 -21.39
C ARG A 199 -8.23 -3.24 -21.71
N VAL A 200 -9.02 -2.37 -21.07
CA VAL A 200 -10.43 -2.25 -21.34
C VAL A 200 -10.62 -1.59 -22.71
N TYR A 201 -9.73 -0.67 -23.04
CA TYR A 201 -9.77 -0.01 -24.33
C TYR A 201 -9.52 -1.02 -25.45
N ARG A 202 -8.36 -1.68 -25.40
CA ARG A 202 -8.01 -2.74 -26.33
C ARG A 202 -9.16 -3.75 -26.52
N GLU A 203 -9.64 -4.29 -25.39
CA GLU A 203 -10.67 -5.35 -25.40
C GLU A 203 -12.04 -4.89 -25.89
N ALA A 204 -12.34 -3.61 -25.71
CA ALA A 204 -13.56 -3.03 -26.25
C ALA A 204 -13.38 -2.77 -27.75
N LYS A 205 -12.13 -2.58 -28.17
CA LYS A 205 -11.83 -2.28 -29.56
C LYS A 205 -11.59 -3.56 -30.38
N GLU A 206 -11.30 -4.67 -29.69
CA GLU A 206 -11.25 -5.99 -30.31
C GLU A 206 -12.66 -6.61 -30.34
N GLN A 207 -13.66 -5.76 -30.58
CA GLN A 207 -15.05 -6.16 -30.74
C GLN A 207 -15.56 -5.53 -32.02
N SER A 220 -27.86 -5.10 -31.78
CA SER A 220 -26.54 -5.73 -31.87
C SER A 220 -25.42 -4.70 -32.05
N ARG A 221 -25.33 -4.06 -33.23
CA ARG A 221 -24.44 -2.90 -33.44
C ARG A 221 -24.87 -1.74 -32.53
N VAL A 222 -26.19 -1.56 -32.40
CA VAL A 222 -26.78 -0.52 -31.58
C VAL A 222 -26.49 -0.76 -30.09
N MET A 223 -26.59 -2.01 -29.65
CA MET A 223 -26.29 -2.40 -28.26
C MET A 223 -24.81 -2.25 -27.92
N LEU A 224 -23.94 -2.52 -28.90
CA LEU A 224 -22.49 -2.36 -28.71
C LEU A 224 -22.09 -0.89 -28.69
N MET A 225 -22.79 -0.07 -29.47
CA MET A 225 -22.52 1.37 -29.51
C MET A 225 -22.94 2.03 -28.20
N ARG A 226 -24.05 1.53 -27.63
CA ARG A 226 -24.58 2.02 -26.37
C ARG A 226 -23.64 1.71 -25.19
N GLU A 227 -23.04 0.52 -25.20
CA GLU A 227 -22.11 0.10 -24.16
C GLU A 227 -20.80 0.89 -24.24
N HIS A 228 -20.30 1.06 -25.46
CA HIS A 228 -19.07 1.80 -25.70
C HIS A 228 -19.21 3.29 -25.37
N LYS A 229 -20.45 3.77 -25.37
CA LYS A 229 -20.75 5.13 -24.96
C LYS A 229 -20.60 5.24 -23.44
N ALA A 230 -21.16 4.26 -22.72
CA ALA A 230 -21.09 4.21 -21.26
C ALA A 230 -19.65 4.00 -20.79
N LEU A 231 -18.91 3.13 -21.47
CA LEU A 231 -17.50 2.92 -21.19
C LEU A 231 -16.69 4.20 -21.35
N LYS A 232 -16.95 4.92 -22.44
CA LYS A 232 -16.28 6.19 -22.71
C LYS A 232 -16.56 7.23 -21.61
N THR A 233 -17.77 7.20 -21.06
CA THR A 233 -18.14 8.08 -19.95
C THR A 233 -17.25 7.78 -18.73
N LEU A 234 -17.11 6.49 -18.40
CA LEU A 234 -16.21 6.07 -17.34
C LEU A 234 -14.76 6.46 -17.63
N GLY A 235 -14.33 6.29 -18.88
CA GLY A 235 -13.00 6.75 -19.30
C GLY A 235 -12.79 8.24 -19.05
N ILE A 236 -13.81 9.05 -19.35
CA ILE A 236 -13.72 10.50 -19.16
C ILE A 236 -13.64 10.88 -17.68
N ILE A 237 -14.46 10.19 -16.86
CA ILE A 237 -14.41 10.26 -15.38
C ILE A 237 -12.99 10.03 -14.84
N MET A 238 -12.31 9.02 -15.39
CA MET A 238 -10.97 8.65 -14.96
C MET A 238 -9.91 9.63 -15.46
N GLY A 239 -10.06 10.10 -16.70
CA GLY A 239 -9.11 11.06 -17.28
C GLY A 239 -9.20 12.43 -16.65
N VAL A 240 -10.41 12.84 -16.27
CA VAL A 240 -10.58 14.15 -15.68
C VAL A 240 -10.04 14.15 -14.24
N PHE A 241 -10.30 13.09 -13.50
CA PHE A 241 -9.71 12.88 -12.17
C PHE A 241 -8.17 12.98 -12.22
N THR A 242 -7.57 12.27 -13.18
CA THR A 242 -6.12 12.33 -13.41
C THR A 242 -5.62 13.77 -13.70
N LEU A 243 -6.28 14.49 -14.62
CA LEU A 243 -5.93 15.88 -14.92
C LEU A 243 -6.12 16.84 -13.72
N CYS A 244 -7.06 16.57 -12.83
CA CYS A 244 -7.28 17.41 -11.67
C CYS A 244 -6.28 17.19 -10.53
N TRP A 245 -5.81 15.96 -10.33
CA TRP A 245 -4.92 15.64 -9.22
C TRP A 245 -3.43 15.41 -9.58
N LEU A 246 -3.16 14.93 -10.78
CA LEU A 246 -1.77 14.67 -11.13
C LEU A 246 -0.87 15.93 -11.02
N PRO A 247 -1.35 17.12 -11.47
CA PRO A 247 -0.52 18.33 -11.27
C PRO A 247 -0.10 18.56 -9.81
N PHE A 248 -1.04 18.46 -8.87
CA PHE A 248 -0.71 18.57 -7.44
C PHE A 248 0.30 17.51 -6.94
N PHE A 249 0.04 16.24 -7.21
CA PHE A 249 0.96 15.19 -6.77
C PHE A 249 2.30 15.21 -7.49
N LEU A 250 2.33 15.67 -8.76
CA LEU A 250 3.63 15.90 -9.42
C LEU A 250 4.42 16.99 -8.68
N VAL A 251 3.72 18.01 -8.19
CA VAL A 251 4.35 19.15 -7.52
C VAL A 251 4.71 18.84 -6.08
N ASN A 252 3.89 18.04 -5.41
CA ASN A 252 4.20 17.52 -4.06
C ASN A 252 5.56 16.80 -4.01
N ILE A 253 5.82 15.95 -5.00
CA ILE A 253 7.07 15.23 -5.13
C ILE A 253 8.21 16.20 -5.42
N VAL A 254 8.08 16.98 -6.51
CA VAL A 254 9.12 17.92 -6.92
C VAL A 254 9.54 18.86 -5.79
N ASN A 255 8.58 19.27 -4.95
CA ASN A 255 8.89 20.05 -3.76
C ASN A 255 9.91 19.37 -2.85
N VAL A 256 9.75 18.05 -2.66
CA VAL A 256 10.62 17.30 -1.77
C VAL A 256 12.09 17.57 -2.13
N PHE A 257 12.39 17.62 -3.42
CA PHE A 257 13.75 17.79 -3.94
C PHE A 257 14.21 19.25 -4.19
N ASN A 258 13.25 20.18 -4.39
CA ASN A 258 13.59 21.57 -4.68
C ASN A 258 12.36 22.48 -4.57
N ARG A 259 12.27 23.20 -3.46
CA ARG A 259 11.13 24.07 -3.18
C ARG A 259 11.11 25.33 -4.03
N ASP A 260 12.12 25.51 -4.87
CA ASP A 260 12.22 26.72 -5.66
C ASP A 260 11.76 26.51 -7.10
N LEU A 261 11.78 25.25 -7.54
CA LEU A 261 11.39 24.91 -8.90
C LEU A 261 9.95 25.33 -9.24
N VAL A 262 9.04 25.20 -8.28
CA VAL A 262 7.64 25.55 -8.52
C VAL A 262 7.16 26.66 -7.57
N PRO A 263 6.54 27.71 -8.13
CA PRO A 263 6.00 28.78 -7.28
C PRO A 263 4.89 28.28 -6.34
N ASP A 264 4.95 28.71 -5.09
CA ASP A 264 3.94 28.35 -4.12
C ASP A 264 2.48 28.56 -4.55
N TRP A 265 2.13 29.72 -5.13
CA TRP A 265 0.73 30.05 -5.46
C TRP A 265 0.11 28.94 -6.32
N LEU A 266 0.97 28.36 -7.18
CA LEU A 266 0.57 27.33 -8.12
C LEU A 266 0.38 25.95 -7.44
N PHE A 267 1.17 25.69 -6.38
CA PHE A 267 1.00 24.49 -5.53
C PHE A 267 -0.34 24.50 -4.80
N VAL A 268 -0.70 25.69 -4.30
CA VAL A 268 -2.00 25.92 -3.69
C VAL A 268 -3.11 25.70 -4.74
N ALA A 269 -2.91 26.30 -5.91
CA ALA A 269 -3.91 26.26 -6.99
C ALA A 269 -4.21 24.81 -7.38
N PHE A 270 -3.16 24.02 -7.62
CA PHE A 270 -3.28 22.59 -7.91
C PHE A 270 -4.03 21.77 -6.86
N ASN A 271 -3.96 22.16 -5.59
CA ASN A 271 -4.70 21.44 -4.59
C ASN A 271 -6.17 21.76 -4.73
N TRP A 272 -6.51 23.03 -4.94
CA TRP A 272 -7.90 23.42 -5.24
C TRP A 272 -8.45 22.80 -6.55
N LEU A 273 -7.61 22.72 -7.58
CA LEU A 273 -8.03 21.98 -8.77
C LEU A 273 -8.46 20.56 -8.36
N GLY A 274 -7.78 19.98 -7.36
CA GLY A 274 -8.15 18.67 -6.81
C GLY A 274 -9.56 18.68 -6.19
N TYR A 275 -9.81 19.60 -5.28
CA TYR A 275 -11.14 19.76 -4.71
C TYR A 275 -12.20 19.96 -5.78
N ALA A 276 -11.84 20.71 -6.83
CA ALA A 276 -12.76 21.07 -7.90
C ALA A 276 -13.32 19.83 -8.61
N ASN A 277 -12.50 18.79 -8.73
CA ASN A 277 -12.89 17.54 -9.39
C ASN A 277 -14.21 16.97 -8.89
N SER A 278 -14.55 17.30 -7.65
CA SER A 278 -15.76 16.82 -6.98
C SER A 278 -17.06 17.37 -7.54
N ALA A 279 -16.95 18.38 -8.41
CA ALA A 279 -18.10 19.02 -9.05
C ALA A 279 -18.33 18.47 -10.46
N MET A 280 -17.32 17.81 -11.01
CA MET A 280 -17.29 17.49 -12.43
C MET A 280 -18.03 16.22 -12.86
N ASN A 281 -18.14 15.23 -11.98
CA ASN A 281 -18.75 13.96 -12.35
C ASN A 281 -20.25 14.03 -12.68
N PRO A 282 -21.03 14.78 -11.86
CA PRO A 282 -22.44 14.91 -12.23
C PRO A 282 -22.66 15.59 -13.59
N ILE A 283 -21.81 16.55 -13.94
CA ILE A 283 -21.90 17.14 -15.27
C ILE A 283 -21.57 16.08 -16.33
N ILE A 284 -20.47 15.37 -16.14
CA ILE A 284 -20.06 14.32 -17.08
C ILE A 284 -21.14 13.22 -17.27
N TYR A 285 -21.86 12.86 -16.21
CA TYR A 285 -22.95 11.88 -16.32
C TYR A 285 -24.14 12.34 -17.19
N CYS A 286 -24.16 13.62 -17.58
CA CYS A 286 -25.18 14.13 -18.49
C CYS A 286 -25.00 13.63 -19.93
N ARG A 287 -23.92 12.92 -20.20
CA ARG A 287 -23.75 12.19 -21.46
C ARG A 287 -24.77 11.04 -21.59
N SER A 288 -25.30 10.60 -20.45
CA SER A 288 -26.27 9.52 -20.42
C SER A 288 -27.71 10.03 -20.43
N PRO A 289 -28.52 9.55 -21.39
CA PRO A 289 -29.95 9.88 -21.45
C PRO A 289 -30.68 9.47 -20.17
N ASP A 290 -30.35 8.27 -19.65
CA ASP A 290 -30.93 7.75 -18.43
C ASP A 290 -30.69 8.62 -17.20
N PHE A 291 -29.47 9.12 -17.05
CA PHE A 291 -29.11 10.05 -15.96
C PHE A 291 -29.78 11.40 -16.15
N ARG A 292 -29.69 11.90 -17.39
CA ARG A 292 -30.27 13.19 -17.80
C ARG A 292 -31.76 13.26 -17.49
N LYS A 293 -32.48 12.20 -17.87
CA LYS A 293 -33.93 12.11 -17.64
C LYS A 293 -34.30 12.01 -16.16
N ALA A 294 -33.49 11.29 -15.40
CA ALA A 294 -33.67 11.18 -13.95
C ALA A 294 -33.35 12.48 -13.21
N PHE A 295 -32.40 13.26 -13.72
CA PHE A 295 -32.08 14.60 -13.21
C PHE A 295 -33.24 15.54 -13.45
N LYS A 296 -33.82 15.48 -14.66
CA LYS A 296 -34.96 16.31 -15.05
C LYS A 296 -36.22 15.97 -14.25
N ARG A 297 -36.41 14.68 -13.99
CA ARG A 297 -37.53 14.20 -13.18
C ARG A 297 -37.39 14.58 -11.70
N LEU A 298 -36.15 14.65 -11.21
CA LEU A 298 -35.91 14.92 -9.78
C LEU A 298 -35.97 16.41 -9.45
N LEU A 299 -35.42 17.24 -10.34
CA LEU A 299 -35.41 18.69 -10.13
C LEU A 299 -36.81 19.32 -10.26
N ALA A 300 -37.77 18.54 -10.79
CA ALA A 300 -39.17 18.94 -10.91
C ALA A 300 -39.37 20.27 -11.65
N ALA B 3 -1.38 -45.29 20.93
CA ALA B 3 -2.24 -44.07 21.02
C ALA B 3 -1.54 -42.94 21.80
N GLU B 4 -1.41 -43.12 23.12
CA GLU B 4 -0.69 -42.16 23.95
C GLU B 4 0.81 -42.21 23.73
N LEU B 5 1.30 -43.35 23.23
CA LEU B 5 2.72 -43.48 22.90
C LEU B 5 3.01 -42.76 21.60
N LEU B 6 2.08 -42.85 20.65
CA LEU B 6 2.22 -42.28 19.29
C LEU B 6 2.19 -40.74 19.35
N SER B 7 1.42 -40.24 20.31
CA SER B 7 1.34 -38.83 20.60
C SER B 7 2.60 -38.31 21.31
N GLN B 8 3.14 -39.10 22.25
CA GLN B 8 4.37 -38.73 22.96
C GLN B 8 5.60 -38.69 22.05
N GLN B 9 5.66 -39.62 21.10
CA GLN B 9 6.78 -39.70 20.18
C GLN B 9 6.77 -38.45 19.31
N TRP B 10 5.57 -38.14 18.81
CA TRP B 10 5.35 -37.01 17.90
C TRP B 10 5.58 -35.67 18.60
N GLU B 11 5.11 -35.54 19.83
CA GLU B 11 5.30 -34.32 20.59
C GLU B 11 6.76 -34.01 20.87
N ALA B 12 7.51 -35.01 21.32
CA ALA B 12 8.90 -34.82 21.68
C ALA B 12 9.79 -34.56 20.46
N GLY B 13 9.58 -35.32 19.38
CA GLY B 13 10.36 -35.14 18.15
C GLY B 13 10.09 -33.80 17.47
N MET B 14 8.83 -33.35 17.55
CA MET B 14 8.40 -32.10 16.95
C MET B 14 8.87 -30.89 17.78
N SER B 15 8.79 -30.97 19.10
CA SER B 15 9.38 -29.96 19.97
C SER B 15 10.85 -29.76 19.65
N LEU B 16 11.54 -30.87 19.34
CA LEU B 16 12.98 -30.82 19.10
C LEU B 16 13.29 -30.17 17.77
N LEU B 17 12.57 -30.58 16.72
CA LEU B 17 12.67 -29.97 15.42
C LEU B 17 12.39 -28.44 15.51
N MET B 18 11.27 -28.08 16.15
CA MET B 18 10.93 -26.68 16.42
C MET B 18 12.04 -25.86 17.09
N ALA B 19 12.64 -26.42 18.15
CA ALA B 19 13.74 -25.75 18.85
C ALA B 19 14.98 -25.61 17.97
N LEU B 20 15.22 -26.59 17.09
CA LEU B 20 16.31 -26.47 16.14
C LEU B 20 16.11 -25.26 15.22
N VAL B 21 14.91 -25.14 14.62
CA VAL B 21 14.54 -24.02 13.76
C VAL B 21 14.73 -22.68 14.46
N VAL B 22 14.24 -22.59 15.71
CA VAL B 22 14.30 -21.37 16.50
C VAL B 22 15.76 -20.97 16.70
N LEU B 23 16.58 -21.96 17.05
CA LEU B 23 17.99 -21.76 17.30
C LEU B 23 18.74 -21.26 16.06
N LEU B 24 18.46 -21.90 14.93
CA LEU B 24 19.05 -21.52 13.66
C LEU B 24 18.63 -20.10 13.24
N ILE B 25 17.34 -19.78 13.37
CA ILE B 25 16.87 -18.44 13.05
C ILE B 25 17.53 -17.41 13.96
N VAL B 26 17.57 -17.68 15.27
CA VAL B 26 18.05 -16.67 16.23
C VAL B 26 19.57 -16.49 16.20
N ALA B 27 20.32 -17.61 16.16
CA ALA B 27 21.79 -17.56 16.11
C ALA B 27 22.24 -16.88 14.82
N GLY B 28 21.75 -17.36 13.69
CA GLY B 28 22.10 -16.82 12.38
C GLY B 28 21.89 -15.33 12.23
N ASN B 29 20.76 -14.81 12.71
CA ASN B 29 20.43 -13.38 12.53
C ASN B 29 21.11 -12.48 13.57
N VAL B 30 21.34 -13.01 14.77
CA VAL B 30 22.14 -12.29 15.78
C VAL B 30 23.57 -12.14 15.26
N LEU B 31 24.10 -13.20 14.64
CA LEU B 31 25.41 -13.12 14.00
C LEU B 31 25.47 -12.00 12.95
N VAL B 32 24.46 -11.94 12.09
CA VAL B 32 24.39 -10.92 11.02
C VAL B 32 24.39 -9.53 11.64
N ILE B 33 23.56 -9.34 12.67
CA ILE B 33 23.45 -8.03 13.31
C ILE B 33 24.77 -7.68 14.00
N ALA B 34 25.33 -8.62 14.77
CA ALA B 34 26.61 -8.39 15.45
C ALA B 34 27.78 -8.17 14.49
N ALA B 35 27.79 -8.90 13.37
CA ALA B 35 28.86 -8.76 12.37
C ALA B 35 28.87 -7.37 11.72
N ILE B 36 27.75 -6.98 11.11
CA ILE B 36 27.61 -5.63 10.58
C ILE B 36 27.93 -4.60 11.64
N GLY B 37 27.52 -4.87 12.89
CA GLY B 37 27.63 -3.88 13.96
C GLY B 37 29.05 -3.64 14.47
N SER B 38 29.98 -4.48 14.03
CA SER B 38 31.31 -4.55 14.64
C SER B 38 32.45 -4.64 13.63
N THR B 39 32.15 -5.04 12.39
CA THR B 39 33.15 -5.08 11.30
C THR B 39 33.03 -3.83 10.45
N GLN B 40 34.04 -2.97 10.50
CA GLN B 40 33.92 -1.67 9.84
C GLN B 40 33.85 -1.76 8.31
N ARG B 41 34.50 -2.77 7.74
CA ARG B 41 34.39 -3.03 6.30
C ARG B 41 32.96 -3.40 5.83
N LEU B 42 32.08 -3.76 6.78
CA LEU B 42 30.69 -4.11 6.50
C LEU B 42 29.71 -2.96 6.82
N GLN B 43 30.21 -1.85 7.31
CA GLN B 43 29.35 -0.74 7.67
C GLN B 43 29.02 0.19 6.50
N THR B 44 28.42 -0.39 5.46
CA THR B 44 27.80 0.32 4.34
C THR B 44 26.32 0.68 4.61
N LEU B 45 25.77 1.59 3.80
CA LEU B 45 24.36 1.96 3.88
C LEU B 45 23.46 0.79 3.51
N THR B 46 23.83 0.06 2.45
CA THR B 46 23.11 -1.14 2.03
C THR B 46 22.93 -2.11 3.21
N ASN B 47 23.95 -2.21 4.08
CA ASN B 47 23.90 -3.15 5.20
C ASN B 47 23.04 -2.70 6.36
N LEU B 48 22.64 -1.44 6.35
CA LEU B 48 21.66 -0.95 7.33
C LEU B 48 20.30 -1.58 7.00
N PHE B 49 19.99 -1.66 5.71
CA PHE B 49 18.78 -2.33 5.26
C PHE B 49 18.86 -3.83 5.60
N ILE B 50 20.04 -4.43 5.42
CA ILE B 50 20.27 -5.84 5.76
C ILE B 50 20.02 -6.06 7.23
N THR B 51 20.44 -5.11 8.07
CA THR B 51 20.18 -5.18 9.51
C THR B 51 18.70 -5.20 9.78
N SER B 52 17.98 -4.28 9.13
CA SER B 52 16.52 -4.17 9.27
C SER B 52 15.83 -5.50 8.96
N LEU B 53 16.22 -6.09 7.84
CA LEU B 53 15.72 -7.38 7.37
C LEU B 53 16.04 -8.50 8.37
N ALA B 54 17.22 -8.40 9.00
CA ALA B 54 17.63 -9.35 10.01
C ALA B 54 16.79 -9.21 11.28
N CYS B 55 16.27 -8.01 11.52
CA CYS B 55 15.40 -7.77 12.67
C CYS B 55 14.03 -8.41 12.47
N ALA B 56 13.49 -8.26 11.27
CA ALA B 56 12.26 -8.94 10.90
C ALA B 56 12.41 -10.47 11.07
N ASP B 57 13.53 -11.01 10.60
CA ASP B 57 13.79 -12.42 10.76
C ASP B 57 13.97 -12.80 12.24
N LEU B 58 14.67 -11.94 12.99
CA LEU B 58 14.86 -12.15 14.43
C LEU B 58 13.53 -12.22 15.18
N VAL B 59 12.60 -11.34 14.84
CA VAL B 59 11.26 -11.33 15.46
C VAL B 59 10.49 -12.62 15.14
N VAL B 60 10.65 -13.13 13.94
CA VAL B 60 10.08 -14.43 13.61
C VAL B 60 10.68 -15.54 14.50
N GLY B 61 11.99 -15.50 14.71
CA GLY B 61 12.68 -16.46 15.57
C GLY B 61 12.31 -16.43 17.03
N LEU B 62 12.18 -15.23 17.59
CA LEU B 62 11.92 -15.07 19.02
C LEU B 62 10.43 -15.17 19.38
N LEU B 63 9.55 -14.75 18.47
CA LEU B 63 8.12 -14.67 18.80
C LEU B 63 7.20 -15.48 17.89
N VAL B 64 7.35 -15.36 16.58
CA VAL B 64 6.40 -15.96 15.65
C VAL B 64 6.47 -17.50 15.67
N VAL B 65 7.67 -18.02 15.44
CA VAL B 65 7.92 -19.45 15.42
C VAL B 65 7.65 -20.10 16.79
N PRO B 66 8.25 -19.58 17.90
CA PRO B 66 7.93 -20.20 19.21
C PRO B 66 6.43 -20.36 19.43
N PHE B 67 5.64 -19.31 19.19
CA PHE B 67 4.19 -19.40 19.35
C PHE B 67 3.52 -20.40 18.41
N GLY B 68 3.95 -20.42 17.16
CA GLY B 68 3.39 -21.35 16.18
C GLY B 68 3.76 -22.78 16.54
N ALA B 69 4.96 -22.95 17.10
CA ALA B 69 5.43 -24.24 17.57
C ALA B 69 4.48 -24.84 18.63
N THR B 70 4.19 -24.07 19.68
CA THR B 70 3.33 -24.55 20.76
C THR B 70 1.98 -25.01 20.22
N LEU B 71 1.54 -24.41 19.12
CA LEU B 71 0.23 -24.74 18.55
C LEU B 71 0.30 -26.04 17.77
N VAL B 72 1.39 -26.24 17.05
CA VAL B 72 1.61 -27.45 16.25
C VAL B 72 1.88 -28.65 17.16
N VAL B 73 2.68 -28.44 18.21
CA VAL B 73 3.09 -29.47 19.15
C VAL B 73 1.94 -29.90 20.08
N ARG B 74 1.27 -28.92 20.69
CA ARG B 74 0.25 -29.18 21.70
C ARG B 74 -1.15 -29.31 21.12
N GLY B 75 -1.30 -29.04 19.83
CA GLY B 75 -2.62 -29.13 19.17
C GLY B 75 -3.69 -28.09 19.50
N THR B 76 -3.40 -27.15 20.39
CA THR B 76 -4.35 -26.05 20.74
C THR B 76 -3.63 -24.75 21.06
N TRP B 77 -4.37 -23.64 21.08
CA TRP B 77 -3.84 -22.37 21.53
C TRP B 77 -3.93 -22.27 23.07
N LEU B 78 -2.78 -22.15 23.74
CA LEU B 78 -2.73 -22.13 25.20
C LEU B 78 -2.66 -20.73 25.80
N TRP B 79 -2.59 -19.69 24.96
CA TRP B 79 -2.11 -18.39 25.45
C TRP B 79 -3.16 -17.28 25.53
N GLY B 80 -4.40 -17.61 25.18
CA GLY B 80 -5.50 -16.66 25.31
C GLY B 80 -5.73 -15.79 24.08
N SER B 81 -6.80 -15.00 24.13
CA SER B 81 -7.29 -14.25 22.96
C SER B 81 -6.39 -13.11 22.50
N PHE B 82 -5.87 -12.36 23.47
CA PHE B 82 -5.03 -11.20 23.18
C PHE B 82 -3.74 -11.63 22.46
N LEU B 83 -3.01 -12.56 23.06
CA LEU B 83 -1.77 -13.05 22.49
C LEU B 83 -1.97 -13.75 21.14
N CYS B 84 -3.17 -14.27 20.91
CA CYS B 84 -3.50 -14.85 19.61
C CYS B 84 -3.54 -13.75 18.55
N GLU B 85 -4.14 -12.63 18.93
CA GLU B 85 -4.21 -11.46 18.05
C GLU B 85 -2.87 -10.79 17.87
N LEU B 86 -2.13 -10.62 18.96
CA LEU B 86 -0.76 -10.12 18.87
C LEU B 86 0.16 -11.03 18.02
N TRP B 87 0.08 -12.34 18.23
CA TRP B 87 0.88 -13.28 17.48
C TRP B 87 0.59 -13.19 15.97
N THR B 88 -0.68 -13.23 15.62
CA THR B 88 -1.14 -13.04 14.23
C THR B 88 -0.65 -11.71 13.63
N SER B 89 -0.70 -10.65 14.43
CA SER B 89 -0.22 -9.32 14.01
C SER B 89 1.25 -9.31 13.66
N LEU B 90 2.06 -9.87 14.55
CA LEU B 90 3.50 -9.91 14.36
C LEU B 90 3.86 -10.73 13.11
N ASP B 91 3.15 -11.84 12.93
CA ASP B 91 3.28 -12.67 11.74
C ASP B 91 3.10 -11.83 10.48
N VAL B 92 1.92 -11.25 10.29
CA VAL B 92 1.67 -10.35 9.16
C VAL B 92 2.69 -9.22 9.08
N LEU B 93 3.05 -8.64 10.23
CA LEU B 93 4.02 -7.56 10.25
C LEU B 93 5.35 -7.97 9.63
N CYS B 94 5.87 -9.14 9.99
CA CYS B 94 7.25 -9.48 9.58
C CYS B 94 7.42 -9.74 8.09
N VAL B 95 6.45 -10.40 7.48
CA VAL B 95 6.55 -10.69 6.05
C VAL B 95 6.31 -9.40 5.25
N THR B 96 5.46 -8.52 5.78
CA THR B 96 5.22 -7.21 5.17
C THR B 96 6.47 -6.35 5.22
N ALA B 97 7.11 -6.30 6.40
CA ALA B 97 8.34 -5.54 6.57
C ALA B 97 9.50 -6.12 5.76
N SER B 98 9.57 -7.46 5.64
CA SER B 98 10.64 -8.10 4.87
C SER B 98 10.58 -7.72 3.37
N ILE B 99 9.46 -8.01 2.70
CA ILE B 99 9.30 -7.71 1.26
C ILE B 99 9.43 -6.19 0.94
N GLU B 100 8.97 -5.32 1.82
CA GLU B 100 9.12 -3.89 1.64
C GLU B 100 10.59 -3.48 1.74
N THR B 101 11.31 -4.16 2.64
CA THR B 101 12.73 -3.88 2.82
C THR B 101 13.51 -4.34 1.59
N LEU B 102 13.12 -5.49 1.02
CA LEU B 102 13.76 -6.00 -0.19
C LEU B 102 13.54 -5.05 -1.36
N CYS B 103 12.38 -4.38 -1.40
CA CYS B 103 12.13 -3.36 -2.42
C CYS B 103 13.10 -2.17 -2.28
N VAL B 104 13.25 -1.69 -1.06
CA VAL B 104 14.16 -0.60 -0.77
C VAL B 104 15.59 -0.99 -1.14
N ILE B 105 15.99 -2.23 -0.85
CA ILE B 105 17.33 -2.70 -1.21
C ILE B 105 17.50 -2.69 -2.73
N ALA B 106 16.49 -3.17 -3.44
CA ALA B 106 16.55 -3.21 -4.89
C ALA B 106 16.65 -1.78 -5.45
N ILE B 107 15.85 -0.87 -4.89
CA ILE B 107 15.90 0.55 -5.31
C ILE B 107 17.26 1.18 -4.95
N ASP B 108 17.75 0.90 -3.76
CA ASP B 108 19.08 1.36 -3.36
C ASP B 108 20.13 1.00 -4.41
N ARG B 109 20.12 -0.23 -4.89
CA ARG B 109 21.13 -0.68 -5.86
C ARG B 109 20.93 -0.07 -7.23
N TYR B 110 19.67 0.09 -7.65
CA TYR B 110 19.36 0.66 -8.94
C TYR B 110 19.93 2.07 -9.00
N LEU B 111 19.66 2.83 -7.93
CA LEU B 111 20.08 4.21 -7.81
C LEU B 111 21.60 4.36 -7.82
N ALA B 112 22.29 3.49 -7.08
CA ALA B 112 23.74 3.52 -6.98
C ALA B 112 24.44 3.14 -8.27
N ILE B 113 23.73 2.40 -9.13
CA ILE B 113 24.32 1.86 -10.34
C ILE B 113 24.05 2.79 -11.52
N THR B 114 22.99 3.57 -11.45
CA THR B 114 22.58 4.44 -12.57
C THR B 114 23.04 5.89 -12.42
N SER B 115 23.07 6.38 -11.19
CA SER B 115 23.52 7.74 -10.93
C SER B 115 24.38 7.78 -9.69
N PRO B 116 25.64 7.30 -9.79
CA PRO B 116 26.52 7.09 -8.63
C PRO B 116 26.84 8.34 -7.80
N PHE B 117 26.87 9.51 -8.45
CA PHE B 117 27.20 10.75 -7.74
C PHE B 117 25.97 11.43 -7.16
N ARG B 118 24.83 11.32 -7.85
CA ARG B 118 23.54 11.64 -7.25
C ARG B 118 23.30 10.77 -6.00
N TYR B 119 23.55 9.47 -6.14
CA TYR B 119 23.47 8.53 -5.02
C TYR B 119 24.31 8.96 -3.80
N GLN B 120 25.59 9.23 -4.01
CA GLN B 120 26.51 9.55 -2.91
C GLN B 120 26.14 10.82 -2.14
N SER B 121 25.57 11.80 -2.82
CA SER B 121 25.10 13.00 -2.13
C SER B 121 23.74 12.75 -1.44
N LEU B 122 22.77 12.18 -2.15
CA LEU B 122 21.42 11.95 -1.57
C LEU B 122 21.40 10.94 -0.42
N MET B 123 21.96 9.76 -0.66
CA MET B 123 21.94 8.69 0.33
C MET B 123 22.94 8.87 1.46
N THR B 124 22.43 9.20 2.64
CA THR B 124 23.21 9.41 3.85
C THR B 124 22.71 8.46 4.93
N ARG B 125 23.42 8.38 6.04
CA ARG B 125 23.01 7.50 7.14
C ARG B 125 21.69 7.95 7.72
N ALA B 126 21.53 9.25 7.90
CA ALA B 126 20.30 9.81 8.48
C ALA B 126 19.06 9.45 7.65
N ARG B 127 19.20 9.48 6.33
CA ARG B 127 18.11 9.14 5.43
C ARG B 127 17.85 7.63 5.33
N ALA B 128 18.92 6.82 5.33
CA ALA B 128 18.81 5.38 5.52
C ALA B 128 17.96 5.03 6.75
N LYS B 129 18.20 5.71 7.87
CA LYS B 129 17.39 5.53 9.06
C LYS B 129 15.91 5.88 8.83
N VAL B 130 15.67 6.97 8.08
CA VAL B 130 14.30 7.42 7.84
C VAL B 130 13.59 6.41 6.97
N ILE B 131 14.28 5.94 5.94
CA ILE B 131 13.75 4.88 5.07
C ILE B 131 13.35 3.62 5.85
N ILE B 132 14.24 3.13 6.71
CA ILE B 132 13.98 1.91 7.47
C ILE B 132 12.74 2.08 8.36
N CYS B 133 12.69 3.19 9.08
CA CYS B 133 11.55 3.49 9.96
C CYS B 133 10.25 3.69 9.21
N THR B 134 10.31 4.23 8.00
CA THR B 134 9.12 4.43 7.21
C THR B 134 8.52 3.08 6.77
N VAL B 135 9.40 2.17 6.34
CA VAL B 135 9.02 0.78 6.03
C VAL B 135 8.32 0.11 7.24
N TRP B 136 8.90 0.20 8.43
CA TRP B 136 8.27 -0.38 9.62
C TRP B 136 6.94 0.27 9.98
N ALA B 137 6.84 1.61 9.82
CA ALA B 137 5.61 2.36 10.03
C ALA B 137 4.49 1.86 9.11
N ILE B 138 4.77 1.84 7.81
CA ILE B 138 3.82 1.37 6.80
C ILE B 138 3.42 -0.08 7.07
N SER B 139 4.38 -0.91 7.44
CA SER B 139 4.07 -2.33 7.69
C SER B 139 3.20 -2.50 8.94
N ALA B 140 3.51 -1.77 10.00
CA ALA B 140 2.71 -1.77 11.21
C ALA B 140 1.29 -1.39 10.85
N LEU B 141 1.17 -0.34 10.04
CA LEU B 141 -0.11 0.20 9.63
C LEU B 141 -0.94 -0.87 8.96
N VAL B 142 -0.36 -1.50 7.95
CA VAL B 142 -0.99 -2.52 7.13
C VAL B 142 -1.34 -3.80 7.91
N SER B 143 -0.61 -4.07 8.98
CA SER B 143 -0.78 -5.32 9.71
C SER B 143 -1.59 -5.27 11.03
N PHE B 144 -1.29 -4.32 11.92
CA PHE B 144 -1.97 -4.24 13.22
C PHE B 144 -3.45 -3.84 13.18
N LEU B 145 -3.73 -2.69 12.58
CA LEU B 145 -5.07 -2.13 12.62
C LEU B 145 -6.13 -3.13 12.11
N PRO B 146 -5.95 -3.68 10.89
CA PRO B 146 -7.00 -4.57 10.38
C PRO B 146 -7.22 -5.80 11.25
N ILE B 147 -6.17 -6.34 11.88
CA ILE B 147 -6.34 -7.51 12.75
C ILE B 147 -6.98 -7.18 14.09
N MET B 148 -6.60 -6.03 14.68
CA MET B 148 -7.22 -5.54 15.91
C MET B 148 -8.69 -5.08 15.71
N MET B 149 -9.00 -4.54 14.54
CA MET B 149 -10.37 -4.17 14.20
C MET B 149 -11.23 -5.36 13.80
N HIS B 150 -10.64 -6.55 13.70
CA HIS B 150 -11.40 -7.75 13.32
C HIS B 150 -11.90 -7.75 11.86
N TRP B 151 -11.23 -6.98 11.02
CA TRP B 151 -11.59 -6.85 9.61
C TRP B 151 -11.39 -8.15 8.85
N TRP B 152 -10.65 -9.07 9.45
CA TRP B 152 -10.35 -10.36 8.84
C TRP B 152 -11.40 -11.42 9.13
N ARG B 153 -12.19 -11.22 10.18
CA ARG B 153 -13.19 -12.21 10.60
C ARG B 153 -14.30 -12.48 9.58
N ASP B 154 -14.66 -13.76 9.46
CA ASP B 154 -15.75 -14.19 8.59
C ASP B 154 -17.03 -14.44 9.41
N GLU B 155 -18.16 -14.62 8.73
CA GLU B 155 -19.45 -14.84 9.39
C GLU B 155 -19.91 -16.31 9.38
N ASP B 156 -19.24 -17.12 8.57
CA ASP B 156 -19.43 -18.56 8.47
C ASP B 156 -19.63 -19.28 9.83
N PRO B 157 -20.48 -20.34 9.87
CA PRO B 157 -20.71 -21.13 11.10
C PRO B 157 -19.41 -21.67 11.71
N GLN B 158 -18.55 -22.24 10.89
CA GLN B 158 -17.24 -22.74 11.35
C GLN B 158 -16.33 -21.61 11.87
N ALA B 159 -16.43 -20.43 11.26
CA ALA B 159 -15.60 -19.30 11.66
C ALA B 159 -16.02 -18.81 13.04
N LEU B 160 -17.33 -18.68 13.22
CA LEU B 160 -17.90 -18.18 14.48
C LEU B 160 -17.54 -19.08 15.64
N LYS B 161 -17.61 -20.39 15.42
CA LYS B 161 -17.19 -21.36 16.42
C LYS B 161 -15.74 -21.15 16.85
N CYS B 162 -14.82 -21.02 15.89
CA CYS B 162 -13.42 -20.78 16.22
C CYS B 162 -13.21 -19.50 17.02
N TYR B 163 -14.04 -18.49 16.76
CA TYR B 163 -13.89 -17.23 17.46
C TYR B 163 -14.37 -17.33 18.90
N GLN B 164 -15.09 -18.41 19.21
CA GLN B 164 -15.60 -18.63 20.56
C GLN B 164 -14.97 -19.82 21.30
N ASP B 165 -13.93 -20.39 20.68
CA ASP B 165 -13.11 -21.40 21.31
C ASP B 165 -11.79 -20.72 21.67
N PRO B 166 -11.54 -20.50 22.97
CA PRO B 166 -10.27 -19.88 23.38
C PRO B 166 -9.05 -20.69 22.92
N GLY B 167 -9.25 -21.98 22.67
CA GLY B 167 -8.19 -22.87 22.18
C GLY B 167 -8.01 -22.87 20.67
N CYS B 168 -8.83 -22.09 19.96
CA CYS B 168 -8.72 -21.95 18.51
C CYS B 168 -8.11 -20.62 18.14
N CYS B 169 -6.88 -20.65 17.62
CA CYS B 169 -6.26 -19.45 17.04
C CYS B 169 -6.02 -19.68 15.55
N ASP B 170 -7.03 -20.24 14.89
CA ASP B 170 -6.99 -20.41 13.46
C ASP B 170 -7.22 -19.05 12.84
N PHE B 171 -6.46 -18.75 11.79
CA PHE B 171 -6.62 -17.50 11.08
C PHE B 171 -7.49 -17.77 9.86
N VAL B 172 -8.75 -18.10 10.13
CA VAL B 172 -9.76 -18.28 9.08
C VAL B 172 -10.34 -16.91 8.75
N THR B 173 -9.99 -16.39 7.58
CA THR B 173 -10.34 -15.02 7.25
C THR B 173 -11.52 -14.97 6.30
N ASN B 174 -12.11 -13.79 6.15
CA ASN B 174 -13.08 -13.60 5.10
C ASN B 174 -12.33 -13.40 3.79
N ARG B 175 -13.06 -13.44 2.68
CA ARG B 175 -12.45 -13.36 1.37
C ARG B 175 -11.90 -11.98 1.04
N ALA B 176 -12.58 -10.92 1.50
CA ALA B 176 -12.11 -9.55 1.27
C ALA B 176 -10.72 -9.33 1.86
N TYR B 177 -10.57 -9.69 3.13
CA TYR B 177 -9.29 -9.54 3.80
C TYR B 177 -8.19 -10.37 3.14
N ALA B 178 -8.52 -11.60 2.78
CA ALA B 178 -7.53 -12.48 2.22
C ALA B 178 -6.96 -11.84 0.95
N ILE B 179 -7.83 -11.41 0.04
CA ILE B 179 -7.39 -10.77 -1.22
C ILE B 179 -6.66 -9.44 -0.95
N ALA B 180 -7.22 -8.60 -0.08
CA ALA B 180 -6.67 -7.27 0.18
C ALA B 180 -5.30 -7.33 0.83
N SER B 181 -5.16 -8.18 1.83
CA SER B 181 -3.90 -8.28 2.56
C SER B 181 -2.85 -8.94 1.68
N SER B 182 -3.24 -9.95 0.94
CA SER B 182 -2.32 -10.57 -0.02
C SER B 182 -1.78 -9.54 -1.02
N ILE B 183 -2.69 -8.78 -1.65
CA ILE B 183 -2.28 -7.73 -2.59
C ILE B 183 -1.41 -6.66 -1.91
N ILE B 184 -1.87 -6.16 -0.78
CA ILE B 184 -1.25 -5.02 -0.14
C ILE B 184 0.03 -5.38 0.59
N SER B 185 0.04 -6.51 1.29
CA SER B 185 1.22 -6.88 2.01
C SER B 185 2.24 -7.63 1.18
N PHE B 186 1.83 -8.27 0.10
CA PHE B 186 2.73 -9.16 -0.65
C PHE B 186 2.84 -8.92 -2.15
N TYR B 187 1.74 -9.02 -2.88
CA TYR B 187 1.82 -8.99 -4.35
C TYR B 187 2.34 -7.66 -4.92
N ILE B 188 1.83 -6.55 -4.42
CA ILE B 188 2.28 -5.24 -4.91
C ILE B 188 3.79 -5.05 -4.69
N PRO B 189 4.29 -5.21 -3.44
CA PRO B 189 5.74 -5.13 -3.29
C PRO B 189 6.51 -6.15 -4.15
N LEU B 190 5.89 -7.31 -4.42
CA LEU B 190 6.53 -8.33 -5.25
C LEU B 190 6.69 -7.87 -6.67
N LEU B 191 5.66 -7.22 -7.23
CA LEU B 191 5.78 -6.68 -8.59
C LEU B 191 6.87 -5.62 -8.69
N ILE B 192 6.90 -4.69 -7.71
CA ILE B 192 7.90 -3.64 -7.65
C ILE B 192 9.31 -4.22 -7.55
N MET B 193 9.51 -5.17 -6.63
CA MET B 193 10.83 -5.77 -6.44
C MET B 193 11.35 -6.52 -7.67
N ILE B 194 10.52 -7.36 -8.27
CA ILE B 194 10.86 -8.01 -9.54
C ILE B 194 11.19 -6.97 -10.63
N PHE B 195 10.26 -6.05 -10.91
CA PHE B 195 10.49 -4.97 -11.89
C PHE B 195 11.84 -4.28 -11.72
N VAL B 196 12.15 -3.85 -10.49
CA VAL B 196 13.41 -3.16 -10.19
C VAL B 196 14.63 -4.05 -10.21
N ALA B 197 14.52 -5.31 -9.79
CA ALA B 197 15.66 -6.23 -9.85
C ALA B 197 16.09 -6.57 -11.28
N LEU B 198 15.14 -6.54 -12.22
CA LEU B 198 15.44 -6.75 -13.63
C LEU B 198 16.13 -5.54 -14.24
N ARG B 199 15.83 -4.37 -13.72
CA ARG B 199 16.45 -3.14 -14.17
C ARG B 199 17.90 -3.05 -13.72
N VAL B 200 18.16 -3.39 -12.45
CA VAL B 200 19.53 -3.55 -11.95
C VAL B 200 20.30 -4.58 -12.79
N TYR B 201 19.67 -5.71 -13.09
CA TYR B 201 20.29 -6.77 -13.89
C TYR B 201 20.74 -6.27 -15.28
N ARG B 202 19.80 -5.72 -16.07
CA ARG B 202 20.08 -5.01 -17.30
C ARG B 202 21.25 -4.01 -17.21
N GLU B 203 21.27 -3.17 -16.18
CA GLU B 203 22.37 -2.22 -16.01
C GLU B 203 23.69 -2.92 -15.71
N ALA B 204 23.64 -3.97 -14.90
CA ALA B 204 24.85 -4.71 -14.53
C ALA B 204 25.45 -5.38 -15.77
N LYS B 205 24.58 -5.86 -16.65
CA LYS B 205 25.00 -6.51 -17.88
C LYS B 205 25.63 -5.51 -18.84
N GLU B 206 25.12 -4.28 -18.81
CA GLU B 206 25.61 -3.20 -19.65
C GLU B 206 27.02 -2.79 -19.22
N GLN B 207 27.36 -3.03 -17.96
CA GLN B 207 28.69 -2.72 -17.43
C GLN B 207 29.75 -3.78 -17.77
N ILE B 208 29.32 -4.97 -18.17
CA ILE B 208 30.29 -6.04 -18.44
C ILE B 208 30.79 -6.04 -19.88
N ARG B 209 30.26 -5.15 -20.70
CA ARG B 209 30.84 -4.86 -22.00
C ARG B 209 32.22 -4.27 -21.71
N LYS B 210 33.23 -4.65 -22.49
CA LYS B 210 34.59 -4.14 -22.29
C LYS B 210 35.30 -4.71 -21.06
N ILE B 211 34.62 -5.58 -20.32
CA ILE B 211 35.22 -6.15 -19.11
C ILE B 211 36.32 -7.18 -19.44
N ASP B 212 36.14 -7.90 -20.55
CA ASP B 212 37.10 -8.90 -21.03
C ASP B 212 38.26 -8.28 -21.84
N ARG B 213 38.36 -6.95 -21.83
CA ARG B 213 39.51 -6.26 -22.40
C ARG B 213 40.72 -6.48 -21.54
N ALA B 214 41.73 -7.11 -22.14
CA ALA B 214 43.05 -7.25 -21.51
C ALA B 214 43.49 -5.95 -20.80
N SER B 215 43.32 -4.81 -21.47
CA SER B 215 43.68 -3.50 -20.93
C SER B 215 42.91 -3.05 -19.69
N LYS B 216 41.86 -3.78 -19.31
CA LYS B 216 41.09 -3.47 -18.11
C LYS B 216 41.24 -4.50 -16.97
N ARG B 217 41.65 -5.73 -17.31
CA ARG B 217 41.64 -6.89 -16.41
C ARG B 217 42.33 -6.77 -15.04
N LYS B 218 43.35 -5.93 -14.94
CA LYS B 218 44.14 -5.88 -13.70
C LYS B 218 43.40 -5.29 -12.49
N THR B 219 42.65 -4.21 -12.65
CA THR B 219 41.92 -3.63 -11.51
C THR B 219 40.42 -3.40 -11.78
N SER B 220 40.10 -2.78 -12.92
CA SER B 220 38.71 -2.50 -13.33
C SER B 220 37.86 -3.74 -13.22
N ARG B 221 38.42 -4.83 -13.71
CA ARG B 221 37.67 -6.05 -13.86
C ARG B 221 37.45 -6.72 -12.52
N VAL B 222 38.46 -6.66 -11.65
CA VAL B 222 38.40 -7.30 -10.36
C VAL B 222 37.36 -6.62 -9.48
N MET B 223 37.34 -5.29 -9.50
CA MET B 223 36.38 -4.48 -8.73
C MET B 223 34.94 -4.68 -9.21
N LEU B 224 34.78 -4.86 -10.52
CA LEU B 224 33.46 -5.10 -11.12
C LEU B 224 32.95 -6.51 -10.84
N MET B 225 33.85 -7.49 -10.80
CA MET B 225 33.48 -8.86 -10.46
C MET B 225 33.04 -8.96 -9.01
N ARG B 226 33.74 -8.23 -8.13
CA ARG B 226 33.43 -8.19 -6.72
C ARG B 226 32.03 -7.61 -6.44
N GLU B 227 31.68 -6.55 -7.18
CA GLU B 227 30.39 -5.89 -7.05
C GLU B 227 29.23 -6.75 -7.58
N HIS B 228 29.44 -7.36 -8.73
CA HIS B 228 28.47 -8.29 -9.30
C HIS B 228 28.29 -9.57 -8.48
N LYS B 229 29.30 -9.93 -7.67
CA LYS B 229 29.16 -11.02 -6.71
C LYS B 229 28.19 -10.59 -5.61
N ALA B 230 28.39 -9.39 -5.06
CA ALA B 230 27.54 -8.85 -4.01
C ALA B 230 26.08 -8.63 -4.48
N LEU B 231 25.93 -8.12 -5.71
CA LEU B 231 24.62 -7.98 -6.32
C LEU B 231 23.90 -9.32 -6.47
N LYS B 232 24.65 -10.33 -6.94
CA LYS B 232 24.11 -11.70 -7.06
C LYS B 232 23.64 -12.28 -5.74
N THR B 233 24.33 -11.94 -4.66
CA THR B 233 23.95 -12.38 -3.32
C THR B 233 22.58 -11.78 -3.00
N LEU B 234 22.41 -10.48 -3.25
CA LEU B 234 21.14 -9.78 -3.05
C LEU B 234 20.03 -10.37 -3.92
N GLY B 235 20.37 -10.71 -5.16
CA GLY B 235 19.41 -11.37 -6.03
C GLY B 235 18.96 -12.71 -5.47
N ILE B 236 19.89 -13.46 -4.87
CA ILE B 236 19.56 -14.78 -4.29
C ILE B 236 18.61 -14.60 -3.09
N ILE B 237 18.96 -13.66 -2.21
CA ILE B 237 18.13 -13.25 -1.08
C ILE B 237 16.69 -12.96 -1.52
N MET B 238 16.50 -12.27 -2.65
CA MET B 238 15.17 -11.94 -3.19
C MET B 238 14.45 -13.13 -3.80
N GLY B 239 15.20 -13.97 -4.51
CA GLY B 239 14.62 -15.13 -5.16
C GLY B 239 14.23 -16.22 -4.18
N VAL B 240 14.99 -16.35 -3.11
CA VAL B 240 14.68 -17.38 -2.13
C VAL B 240 13.42 -16.94 -1.34
N PHE B 241 13.40 -15.69 -0.90
CA PHE B 241 12.20 -15.09 -0.29
C PHE B 241 10.96 -15.35 -1.15
N THR B 242 11.07 -15.08 -2.46
CA THR B 242 9.97 -15.33 -3.40
C THR B 242 9.55 -16.82 -3.44
N LEU B 243 10.53 -17.73 -3.51
CA LEU B 243 10.23 -19.17 -3.51
C LEU B 243 9.59 -19.65 -2.20
N CYS B 244 9.97 -19.04 -1.08
CA CYS B 244 9.41 -19.41 0.22
C CYS B 244 7.96 -18.94 0.44
N TRP B 245 7.62 -17.74 -0.04
CA TRP B 245 6.30 -17.15 0.22
C TRP B 245 5.31 -17.21 -0.93
N LEU B 246 5.79 -17.26 -2.17
CA LEU B 246 4.87 -17.34 -3.29
C LEU B 246 3.93 -18.56 -3.22
N PRO B 247 4.43 -19.76 -2.89
CA PRO B 247 3.46 -20.83 -2.84
C PRO B 247 2.33 -20.53 -1.87
N PHE B 248 2.66 -20.03 -0.66
CA PHE B 248 1.58 -19.72 0.30
C PHE B 248 0.61 -18.66 -0.22
N PHE B 249 1.12 -17.54 -0.72
CA PHE B 249 0.24 -16.50 -1.22
C PHE B 249 -0.58 -16.88 -2.46
N LEU B 250 -0.11 -17.84 -3.26
CA LEU B 250 -0.92 -18.35 -4.37
C LEU B 250 -2.06 -19.20 -3.82
N VAL B 251 -1.75 -19.98 -2.80
CA VAL B 251 -2.70 -20.91 -2.19
C VAL B 251 -3.79 -20.13 -1.46
N ASN B 252 -3.37 -19.07 -0.76
CA ASN B 252 -4.27 -18.15 -0.06
C ASN B 252 -5.38 -17.65 -0.98
N ILE B 253 -4.99 -17.29 -2.21
CA ILE B 253 -5.89 -16.79 -3.21
C ILE B 253 -6.81 -17.90 -3.74
N VAL B 254 -6.25 -19.08 -3.97
CA VAL B 254 -7.01 -20.21 -4.50
C VAL B 254 -8.18 -20.62 -3.56
N ASN B 255 -7.94 -20.61 -2.24
CA ASN B 255 -9.01 -20.85 -1.26
C ASN B 255 -10.19 -19.91 -1.39
N VAL B 256 -9.91 -18.67 -1.76
CA VAL B 256 -10.97 -17.69 -1.94
C VAL B 256 -11.99 -18.16 -2.99
N PHE B 257 -11.50 -18.70 -4.11
CA PHE B 257 -12.35 -19.15 -5.22
C PHE B 257 -12.74 -20.62 -5.14
N ASN B 258 -12.05 -21.41 -4.32
CA ASN B 258 -12.36 -22.83 -4.12
C ASN B 258 -11.88 -23.40 -2.78
N ARG B 259 -12.81 -23.52 -1.83
CA ARG B 259 -12.43 -23.83 -0.44
C ARG B 259 -12.05 -25.29 -0.19
N ASP B 260 -12.11 -26.12 -1.24
CA ASP B 260 -11.77 -27.53 -1.11
C ASP B 260 -10.43 -27.89 -1.73
N LEU B 261 -10.15 -27.31 -2.90
CA LEU B 261 -9.02 -27.72 -3.75
C LEU B 261 -7.67 -27.96 -3.04
N VAL B 262 -7.31 -27.11 -2.08
CA VAL B 262 -6.04 -27.25 -1.36
C VAL B 262 -6.28 -27.77 0.05
N PRO B 263 -5.75 -28.98 0.34
CA PRO B 263 -5.88 -29.59 1.67
C PRO B 263 -5.35 -28.73 2.80
N ASP B 264 -6.05 -28.78 3.92
CA ASP B 264 -5.74 -28.06 5.16
C ASP B 264 -4.26 -28.12 5.53
N TRP B 265 -3.65 -29.30 5.39
CA TRP B 265 -2.27 -29.53 5.84
C TRP B 265 -1.27 -28.82 4.92
N LEU B 266 -1.62 -28.68 3.64
CA LEU B 266 -0.73 -28.09 2.66
C LEU B 266 -0.69 -26.56 2.81
N PHE B 267 -1.80 -25.98 3.26
CA PHE B 267 -1.90 -24.56 3.54
C PHE B 267 -0.89 -24.23 4.63
N VAL B 268 -1.00 -24.95 5.74
CA VAL B 268 -0.13 -24.76 6.90
C VAL B 268 1.32 -25.07 6.57
N ALA B 269 1.53 -25.97 5.60
CA ALA B 269 2.90 -26.35 5.21
C ALA B 269 3.58 -25.18 4.50
N PHE B 270 2.87 -24.70 3.49
CA PHE B 270 3.28 -23.51 2.74
C PHE B 270 3.49 -22.27 3.60
N ASN B 271 2.75 -22.17 4.70
CA ASN B 271 2.96 -21.08 5.64
C ASN B 271 4.23 -21.31 6.46
N TRP B 272 4.50 -22.57 6.81
CA TRP B 272 5.75 -22.92 7.50
C TRP B 272 7.00 -22.72 6.62
N LEU B 273 6.88 -23.04 5.32
CA LEU B 273 7.93 -22.65 4.35
C LEU B 273 8.24 -21.14 4.44
N GLY B 274 7.19 -20.34 4.63
CA GLY B 274 7.34 -18.91 4.86
C GLY B 274 8.17 -18.57 6.09
N TYR B 275 7.79 -19.13 7.24
CA TYR B 275 8.58 -18.94 8.46
C TYR B 275 10.04 -19.37 8.26
N ALA B 276 10.24 -20.42 7.46
CA ALA B 276 11.54 -21.07 7.32
C ALA B 276 12.53 -20.14 6.66
N ASN B 277 12.01 -19.25 5.80
CA ASN B 277 12.83 -18.26 5.08
C ASN B 277 13.71 -17.42 5.99
N SER B 278 13.29 -17.29 7.25
CA SER B 278 13.99 -16.46 8.24
C SER B 278 15.30 -17.04 8.71
N ALA B 279 15.58 -18.28 8.29
CA ALA B 279 16.79 -19.01 8.69
C ALA B 279 17.82 -18.95 7.56
N MET B 280 17.36 -18.58 6.37
CA MET B 280 18.15 -18.77 5.17
C MET B 280 19.15 -17.66 4.82
N ASN B 281 18.86 -16.41 5.20
CA ASN B 281 19.72 -15.29 4.81
C ASN B 281 21.10 -15.33 5.44
N PRO B 282 21.21 -15.72 6.73
CA PRO B 282 22.57 -15.81 7.24
C PRO B 282 23.42 -16.86 6.50
N ILE B 283 22.82 -17.98 6.13
CA ILE B 283 23.54 -18.98 5.35
C ILE B 283 23.96 -18.36 4.03
N ILE B 284 23.03 -17.68 3.36
CA ILE B 284 23.30 -17.07 2.06
C ILE B 284 24.41 -15.99 2.11
N TYR B 285 24.49 -15.22 3.19
CA TYR B 285 25.59 -14.25 3.36
C TYR B 285 26.97 -14.90 3.52
N CYS B 286 27.04 -16.22 3.58
CA CYS B 286 28.32 -16.91 3.64
C CYS B 286 29.05 -16.91 2.31
N ARG B 287 28.39 -16.42 1.26
CA ARG B 287 29.01 -16.18 -0.04
C ARG B 287 30.07 -15.08 0.06
N SER B 288 29.93 -14.19 1.03
CA SER B 288 30.86 -13.09 1.21
C SER B 288 31.97 -13.46 2.19
N PRO B 289 33.23 -13.27 1.76
CA PRO B 289 34.41 -13.46 2.61
C PRO B 289 34.37 -12.54 3.84
N ASP B 290 33.91 -11.30 3.66
CA ASP B 290 33.78 -10.33 4.76
C ASP B 290 32.83 -10.75 5.88
N PHE B 291 31.68 -11.31 5.49
CA PHE B 291 30.69 -11.84 6.44
C PHE B 291 31.19 -13.12 7.10
N ARG B 292 31.77 -14.00 6.28
CA ARG B 292 32.30 -15.29 6.69
C ARG B 292 33.39 -15.13 7.75
N LYS B 293 34.31 -14.19 7.52
CA LYS B 293 35.41 -13.90 8.45
C LYS B 293 34.91 -13.28 9.75
N ALA B 294 33.91 -12.42 9.66
CA ALA B 294 33.29 -11.81 10.85
C ALA B 294 32.50 -12.83 11.67
N PHE B 295 31.88 -13.80 10.99
CA PHE B 295 31.18 -14.91 11.64
C PHE B 295 32.18 -15.76 12.42
N LYS B 296 33.31 -16.05 11.79
CA LYS B 296 34.37 -16.85 12.40
C LYS B 296 35.03 -16.14 13.58
N ARG B 297 35.17 -14.83 13.46
CA ARG B 297 35.73 -14.00 14.53
C ARG B 297 34.77 -13.86 15.71
N LEU B 298 33.46 -13.89 15.44
CA LEU B 298 32.46 -13.70 16.49
C LEU B 298 32.15 -14.98 17.27
N LEU B 299 32.11 -16.11 16.56
CA LEU B 299 31.83 -17.41 17.19
C LEU B 299 32.99 -17.91 18.07
N ALA B 300 34.15 -17.27 17.93
CA ALA B 300 35.35 -17.55 18.75
C ALA B 300 35.78 -19.02 18.71
CAA Y01 C . -1.55 1.06 -2.18
CBA Y01 C . -3.02 0.91 -1.79
CAB Y01 C . -3.15 0.71 -0.29
CAN Y01 C . -3.60 -0.29 -2.53
CAJ Y01 C . -4.54 0.12 -3.66
CAO Y01 C . -5.16 -1.11 -4.35
CBB Y01 C . -6.67 -0.96 -4.55
CAC Y01 C . -7.00 0.27 -5.41
CBE Y01 C . -7.38 -2.17 -5.21
CAP Y01 C . -6.56 -3.00 -6.22
CAQ Y01 C . -7.38 -4.30 -6.35
CBG Y01 C . -8.53 -4.12 -5.32
CBI Y01 C . -7.93 -3.25 -4.25
CAE Y01 C . -6.84 -3.96 -3.42
CAU Y01 C . -9.07 -2.72 -3.39
CAS Y01 C . -9.92 -3.81 -2.75
CBF Y01 C . -10.29 -4.97 -3.71
CBD Y01 C . -9.13 -5.36 -4.69
CAK Y01 C . -9.65 -6.36 -5.76
CAI Y01 C . -10.48 -7.33 -5.21
CAZ Y01 C . -11.03 -7.36 -3.93
CAV Y01 C . -11.95 -8.53 -3.52
CBH Y01 C . -10.77 -6.20 -2.94
CAD Y01 C . -9.72 -6.65 -1.92
CAT Y01 C . -12.09 -5.85 -2.22
CAR Y01 C . -12.84 -7.10 -1.78
CBC Y01 C . -13.25 -7.85 -3.04
OAW Y01 C . -14.52 -8.58 -2.95
CAY Y01 C . -14.62 -9.51 -2.00
OAG Y01 C . -13.59 -9.91 -1.47
CAM Y01 C . -16.00 -10.02 -1.66
CAL Y01 C . -15.98 -11.55 -1.62
CAX Y01 C . -16.78 -12.07 -0.43
OAH Y01 C . -17.63 -12.96 -0.68
OAF Y01 C . -16.50 -11.59 0.69
CAA Y01 D . -15.92 9.18 7.37
CBA Y01 D . -16.76 10.21 6.60
CAB Y01 D . -17.48 11.16 7.57
CAN Y01 D . -17.72 9.58 5.55
CAJ Y01 D . -18.07 8.10 5.72
CAO Y01 D . -18.77 7.58 4.43
CBB Y01 D . -19.01 6.03 4.32
CAC Y01 D . -19.50 5.42 5.65
CBE Y01 D . -19.94 5.71 3.08
CAP Y01 D . -19.29 6.18 1.75
CAQ Y01 D . -19.83 5.25 0.65
CBG Y01 D . -20.95 4.50 1.39
CBI Y01 D . -20.30 4.23 2.77
CAE Y01 D . -19.06 3.29 2.73
CAU Y01 D . -21.40 3.64 3.68
CAS Y01 D . -22.05 2.36 3.11
CBF Y01 D . -22.53 2.52 1.64
CBD Y01 D . -21.46 3.21 0.73
CAK Y01 D . -21.96 3.47 -0.70
CAI Y01 D . -22.68 2.40 -1.22
CAZ Y01 D . -23.22 1.32 -0.51
CAV Y01 D . -24.00 0.25 -1.28
CBH Y01 D . -23.07 1.19 1.04
CAD Y01 D . -22.16 -0.01 1.37
CAT Y01 D . -24.48 0.91 1.62
CAR Y01 D . -25.21 -0.24 0.91
CBC Y01 D . -25.35 -0.02 -0.62
OAW Y01 D . -25.89 -1.19 -1.22
CAY Y01 D . -27.24 -1.30 -0.99
OAG Y01 D . -27.66 -2.35 -0.46
CAM Y01 D . -28.21 -0.15 -1.37
CAL Y01 D . -28.53 -0.13 -2.89
CAX Y01 D . -29.62 -1.16 -3.26
OAH Y01 D . -30.80 -0.73 -3.41
OAF Y01 D . -29.25 -2.35 -3.38
C9 2CV E . 3.30 6.69 6.33
C12 2CV E . 4.52 7.59 6.59
C15 2CV E . 5.15 7.34 7.97
C18 2CV E . 6.57 7.89 7.97
C21 2CV E . 7.07 8.21 9.38
C24 2CV E . 8.59 8.43 9.36
C27 2CV E . 9.08 9.25 10.55
C30 2CV E . 9.72 10.57 10.11
N33 2CV E . 9.78 11.57 11.02
O34 2CV E . 10.16 10.66 8.97
C35 2CV E . 9.23 11.44 12.38
C36 2CV E . 10.28 12.92 10.72
C37 2CV E . 11.63 13.12 10.06
C40 2CV E . 12.05 14.58 10.21
C41 2CV E . 13.47 14.76 10.76
C42 2CV E . 14.37 15.56 9.80
C43 2CV E . 14.63 14.85 8.46
O44 2CV E . 15.48 13.71 8.67
O47 2CV E . 11.50 12.86 8.67
O49 2CV E . 11.14 15.30 11.07
O51 2CV E . 14.05 13.49 11.08
O53 2CV E . 15.62 15.85 10.48
C60 2CV E . 7.75 11.80 12.48
O63 2CV E . 7.14 10.85 13.36
C1 2CV E . 2.42 7.35 5.26
C0 2CV E . 1.43 6.36 4.62
C9 2CV F . -12.69 1.93 -18.19
C12 2CV F . -11.87 2.37 -19.41
C15 2CV F . -12.74 3.22 -20.37
C18 2CV F . -12.13 3.32 -21.77
C21 2CV F . -13.21 3.52 -22.86
C9 2CV G . 15.79 8.68 -1.47
C12 2CV G . 15.49 9.66 -0.32
C15 2CV G . 14.76 10.92 -0.83
C18 2CV G . 15.09 12.16 0.00
C21 2CV G . 15.36 13.39 -0.89
C24 2CV G . 16.32 14.37 -0.19
C27 2CV G . 16.86 15.42 -1.16
C30 2CV G . 16.65 16.85 -0.64
N33 2CV G . 17.11 17.86 -1.39
O34 2CV G . 16.12 17.02 0.46
C35 2CV G . 17.75 17.65 -2.72
C36 2CV G . 16.91 19.28 -0.97
C37 2CV G . 17.94 19.71 0.07
C40 2CV G . 17.30 20.65 1.10
O47 2CV G . 19.02 20.38 -0.60
O49 2CV G . 17.66 20.23 2.43
C60 2CV G . 19.29 17.73 -2.66
O63 2CV G . 19.81 17.82 -3.99
C1 2CV G . 15.09 7.31 -1.27
C0 2CV G . 14.98 6.52 -2.58
C9 2CV H . -5.23 30.06 -2.50
C12 2CV H . -6.49 30.49 -3.27
C15 2CV H . -6.94 29.39 -4.25
C18 2CV H . -8.46 29.49 -4.55
C21 2CV H . -8.78 29.10 -6.00
C24 2CV H . -10.29 29.18 -6.30
C27 2CV H . -10.85 27.77 -6.54
C30 2CV H . -12.05 27.67 -7.53
N33 2CV H . -11.79 27.52 -8.86
O34 2CV H . -13.19 27.63 -7.07
C35 2CV H . -10.42 27.58 -9.44
C36 2CV H . -12.92 27.42 -9.82
C37 2CV H . -13.19 25.96 -10.25
C40 2CV H . -12.42 25.60 -11.56
C41 2CV H . -13.30 25.63 -12.83
C42 2CV H . -12.64 25.01 -14.10
C43 2CV H . -13.60 24.99 -15.32
O44 2CV H . -13.93 26.32 -15.74
O47 2CV H . -14.61 25.72 -10.40
O49 2CV H . -11.77 24.34 -11.36
O51 2CV H . -13.62 27.00 -13.11
O53 2CV H . -12.23 23.66 -13.84
C60 2CV H . -9.56 26.33 -9.17
O63 2CV H . -8.36 26.75 -8.50
C1 2CV H . -4.56 31.20 -1.69
C0 2CV H . -4.21 30.74 -0.26
C9 2CV I . -14.54 3.76 7.14
C12 2CV I . -15.41 2.56 6.75
C15 2CV I . -14.93 1.32 7.52
C18 2CV I . -15.52 0.03 6.96
C21 2CV I . -15.61 -0.99 8.10
C24 2CV I . -15.42 -2.45 7.63
C27 2CV I . -16.68 -3.00 6.95
C30 2CV I . -17.76 -3.51 7.94
N33 2CV I . -18.63 -4.44 7.49
O34 2CV I . -17.82 -3.03 9.08
C35 2CV I . -18.50 -5.01 6.12
C36 2CV I . -19.67 -4.97 8.42
C37 2CV I . -20.92 -5.49 7.72
C40 2CV I . -22.14 -5.50 8.66
C41 2CV I . -22.47 -6.92 9.20
C42 2CV I . -23.68 -7.59 8.52
C43 2CV I . -24.08 -8.91 9.19
O44 2CV I . -25.46 -8.83 9.63
O47 2CV I . -20.68 -6.81 7.21
O49 2CV I . -23.27 -4.95 7.97
O51 2CV I . -22.67 -6.82 10.61
O53 2CV I . -23.38 -7.86 7.14
C60 2CV I . -19.51 -4.44 5.12
O63 2CV I . -19.16 -4.93 3.82
C1 2CV I . -15.18 5.08 6.74
C0 2CV I . -14.17 6.19 6.93
O1 WHJ J . 2.02 14.73 1.11
C9 WHJ J . 0.82 15.00 0.90
N1 WHJ J . -0.04 14.01 0.63
C7 WHJ J . -1.33 14.27 0.40
C6 WHJ J . -2.30 13.18 0.10
O2 WHJ J . -1.84 11.89 0.07
C5 WHJ J . -3.63 13.48 -0.15
C4 WHJ J . -4.10 14.80 -0.12
C8 WHJ J . 0.40 16.34 0.95
C1 WHJ J . -0.92 16.68 0.71
C2 WHJ J . -1.83 15.67 0.42
C3 WHJ J . -3.28 15.90 0.15
C10 WHJ J . -3.87 17.27 0.17
O4 WHJ J . -5.14 17.23 -0.49
C11 WHJ J . -4.03 17.73 1.62
N2 WHJ J . -4.50 19.10 1.75
C12 WHJ J . -4.50 19.76 3.05
C13 WHJ J . -4.95 18.84 4.19
C14 WHJ J . -5.34 21.04 3.08
C15 WHJ J . -4.59 22.03 2.23
C20 WHJ J . -5.22 22.85 1.28
C19 WHJ J . -4.44 23.72 0.52
C18 WHJ J . -3.04 23.75 0.71
O3 WHJ J . -2.23 24.57 -0.02
C21 WHJ J . -1.19 23.99 -0.79
C17 WHJ J . -2.42 22.94 1.64
C16 WHJ J . -3.20 22.07 2.40
NA NA K . -1.30 24.77 14.29
CAA Y01 L . 1.54 -1.19 -1.17
CBA Y01 L . 2.49 -1.27 0.01
CAB Y01 L . 1.74 -0.82 1.24
CAN Y01 L . 3.74 -0.40 -0.19
CAJ Y01 L . 4.70 -0.98 -1.20
CAO Y01 L . 5.74 0.06 -1.66
CBB Y01 L . 7.06 -0.02 -0.84
CAC Y01 L . 7.62 -1.45 -0.88
CBE Y01 L . 8.19 1.00 -1.22
CAP Y01 L . 8.20 1.44 -2.72
CAQ Y01 L . 8.79 2.86 -2.73
CBG Y01 L . 9.33 3.02 -1.30
CBI Y01 L . 8.23 2.34 -0.44
CAE Y01 L . 6.91 3.12 -0.44
CAU Y01 L . 8.76 2.19 0.99
CAS Y01 L . 9.11 3.56 1.58
CBF Y01 L . 10.00 4.47 0.67
CBD Y01 L . 9.61 4.46 -0.83
CAK Y01 L . 10.70 5.17 -1.69
CAI Y01 L . 11.08 6.41 -1.13
CAZ Y01 L . 10.82 6.84 0.18
CAV Y01 L . 11.27 8.22 0.66
CBH Y01 L . 10.08 5.93 1.19
CAD Y01 L . 8.65 6.50 1.39
CAT Y01 L . 10.89 5.94 2.51
CAR Y01 L . 11.29 7.37 2.96
CBC Y01 L . 12.18 7.95 1.82
OAW Y01 L . 13.16 9.02 2.01
CAY Y01 L . 12.89 9.94 2.95
OAG Y01 L . 11.73 10.29 3.08
CAM Y01 L . 14.01 10.57 3.76
CAL Y01 L . 14.05 12.06 3.45
CAX Y01 L . 14.52 12.93 4.63
OAH Y01 L . 15.45 13.71 4.41
OAF Y01 L . 13.89 12.83 5.71
CAA Y01 M . 6.87 -5.16 16.88
CBA Y01 M . 8.03 -6.05 17.36
CAB Y01 M . 8.02 -6.21 18.88
CAN Y01 M . 9.42 -5.55 16.89
CAJ Y01 M . 9.52 -4.04 16.58
CAO Y01 M . 10.98 -3.72 16.26
CBB Y01 M . 11.25 -2.42 15.49
CAC Y01 M . 10.80 -1.19 16.30
CBE Y01 M . 12.76 -2.41 15.11
CAP Y01 M . 13.02 -3.52 14.05
CAQ Y01 M . 13.88 -2.87 12.95
CBG Y01 M . 14.59 -1.85 13.82
CBI Y01 M . 13.43 -1.14 14.50
CAE Y01 M . 12.51 -0.34 13.52
CAU Y01 M . 14.05 -0.20 15.57
CAS Y01 M . 15.16 0.75 15.04
CBF Y01 M . 16.21 0.09 14.10
CBD Y01 M . 15.56 -0.90 13.09
CAK Y01 M . 16.61 -1.71 12.32
CAI Y01 M . 17.63 -0.91 11.86
CAZ Y01 M . 17.95 0.38 12.27
CAV Y01 M . 19.14 1.04 11.60
CBH Y01 M . 17.13 1.12 13.37
CAD Y01 M . 16.34 2.30 12.73
CAT Y01 M . 18.18 1.72 14.35
CAR Y01 M . 19.30 2.50 13.64
CBC Y01 M . 20.09 1.58 12.67
OAW Y01 M . 21.16 2.18 11.90
CAY Y01 M . 22.00 2.99 12.59
OAG Y01 M . 21.92 4.21 12.41
CAM Y01 M . 23.06 2.36 13.55
CAL Y01 M . 24.49 2.63 13.07
CAX Y01 M . 24.79 4.14 12.95
OAH Y01 M . 25.31 4.53 11.88
OAF Y01 M . 24.46 4.85 13.93
C9 2CV N . -7.87 -4.54 4.91
C12 2CV N . -9.10 -5.34 4.50
C15 2CV N . -10.34 -4.95 5.29
C18 2CV N . -11.56 -5.65 4.67
C21 2CV N . -12.73 -5.74 5.66
C24 2CV N . -14.05 -6.19 5.00
C27 2CV N . -15.13 -6.49 6.06
C30 2CV N . -16.19 -7.51 5.57
N33 2CV N . -16.80 -8.32 6.46
O34 2CV N . -16.45 -7.56 4.37
C35 2CV N . -16.67 -8.28 7.95
C36 2CV N . -17.88 -9.23 6.01
C37 2CV N . -17.41 -10.56 5.44
C40 2CV N . -18.23 -10.89 4.20
O47 2CV N . -17.61 -11.60 6.42
O49 2CV N . -19.44 -11.58 4.55
C60 2CV N . -15.27 -8.13 8.50
O63 2CV N . -15.25 -6.91 9.26
C1 2CV N . -6.60 -5.36 4.67
C0 2CV N . -5.34 -4.49 4.74
C9 2CV O . 19.63 -8.43 -8.34
C12 2CV O . 20.04 -8.64 -9.79
C15 2CV O . 21.16 -9.66 -9.93
C18 2CV O . 22.45 -9.04 -10.50
C21 2CV O . 23.29 -10.08 -11.27
C24 2CV O . 24.77 -9.67 -11.39
C27 2CV O . 25.59 -10.73 -12.17
C30 2CV O . 25.46 -10.53 -13.70
N33 2CV O . 26.30 -11.22 -14.50
O34 2CV O . 24.60 -9.76 -14.14
C35 2CV O . 27.34 -12.14 -13.98
C36 2CV O . 26.18 -11.06 -15.98
C60 2CV O . 28.76 -11.79 -14.48
O63 2CV O . 28.99 -10.38 -14.35
C1 2CV O . 19.07 -7.02 -8.14
C0 2CV O . 19.28 -6.49 -6.72
C9 2CV P . -14.86 -11.14 -5.84
C12 2CV P . -14.35 -12.51 -5.39
C15 2CV P . -15.50 -13.39 -4.85
C18 2CV P . -15.10 -14.87 -4.89
C21 2CV P . -16.28 -15.79 -4.57
C24 2CV P . -15.99 -17.22 -5.06
C27 2CV P . -17.04 -18.24 -4.57
C30 2CV P . -17.25 -19.38 -5.60
N33 2CV P . -17.92 -20.47 -5.18
O34 2CV P . -16.81 -19.25 -6.74
C35 2CV P . -18.44 -20.61 -3.80
C36 2CV P . -18.17 -21.61 -6.10
C60 2CV P . -17.56 -21.60 -3.00
O63 2CV P . -16.26 -21.03 -2.74
C1 2CV P . -14.22 -10.72 -7.17
C0 2CV P . -13.85 -9.24 -7.22
C15 2CV Q . 3.91 -29.66 10.27
C18 2CV Q . 4.73 -28.38 10.53
C21 2CV Q . 6.05 -28.36 9.77
C24 2CV Q . 7.20 -27.85 10.67
C27 2CV Q . 8.17 -26.96 9.87
C30 2CV Q . 9.64 -27.22 10.22
N33 2CV Q . 10.52 -26.60 9.44
O34 2CV Q . 9.97 -27.95 11.16
C9 2CV R . 6.65 0.21 13.86
C12 2CV R . 7.71 1.31 13.99
C15 2CV R . 7.18 2.62 13.43
C18 2CV R . 8.29 3.67 13.20
C21 2CV R . 7.87 5.04 13.77
C24 2CV R . 8.19 6.23 12.85
C27 2CV R . 9.68 6.62 12.93
C30 2CV R . 9.99 7.59 14.10
N33 2CV R . 10.92 8.53 13.88
O34 2CV R . 9.44 7.42 15.19
C35 2CV R . 11.56 8.71 12.55
C36 2CV R . 11.24 9.51 14.96
C37 2CV R . 12.75 9.77 15.17
C40 2CV R . 13.01 10.70 16.36
C41 2CV R . 13.31 12.16 15.93
C42 2CV R . 14.82 12.54 15.99
C43 2CV R . 15.11 13.98 16.42
O44 2CV R . 14.64 14.21 17.75
O47 2CV R . 13.34 10.33 13.99
O49 2CV R . 14.08 10.15 17.13
O51 2CV R . 12.51 13.03 16.73
O53 2CV R . 15.43 12.34 14.70
C60 2CV R . 12.84 7.88 12.37
O63 2CV R . 13.25 8.04 11.01
C1 2CV R . 7.04 -1.03 14.66
C0 2CV R . 6.07 -2.18 14.33
O1 WHJ S . -4.95 -13.57 4.14
C9 WHJ S . -3.83 -13.73 4.69
N1 WHJ S . -2.94 -12.72 4.68
C7 WHJ S . -1.75 -12.88 5.26
C6 WHJ S . -0.75 -11.79 5.26
O2 WHJ S . -1.08 -10.63 4.64
C5 WHJ S . 0.49 -11.97 5.87
C4 WHJ S . 0.82 -13.16 6.50
C8 WHJ S . -3.57 -14.95 5.30
C1 WHJ S . -2.34 -15.18 5.92
C2 WHJ S . -1.39 -14.16 5.91
C3 WHJ S . -0.04 -14.28 6.56
C10 WHJ S . 0.38 -15.53 7.26
O4 WHJ S . 1.76 -15.47 7.64
C11 WHJ S . -0.41 -15.69 8.55
N2 WHJ S . -0.03 -16.90 9.29
C12 WHJ S . -0.92 -17.48 10.29
C13 WHJ S . -1.23 -16.53 11.46
C14 WHJ S . -0.36 -18.79 10.83
C15 WHJ S . -1.49 -19.79 10.94
C20 WHJ S . -1.93 -20.48 9.81
C19 WHJ S . -2.98 -21.39 9.91
C18 WHJ S . -3.60 -21.60 11.14
O3 WHJ S . -4.63 -22.50 11.25
C21 WHJ S . -4.45 -23.76 11.91
C17 WHJ S . -3.16 -20.90 12.27
C16 WHJ S . -2.10 -20.00 12.17
#